data_4J02
#
_entry.id   4J02
#
_cell.length_a   105.760
_cell.length_b   108.340
_cell.length_c   133.060
_cell.angle_alpha   90.00
_cell.angle_beta   90.00
_cell.angle_gamma   90.00
#
_symmetry.space_group_name_H-M   'P 21 21 21'
#
loop_
_entity.id
_entity.type
_entity.pdbx_description
1 polymer 'Genome polyprotein'
2 non-polymer '[(1R)-5,8-dichloro-1-propyl-1,3,4,9-tetrahydropyrano[3,4-b]indol-1-yl]acetic acid'
3 non-polymer 'SULFATE ION'
4 non-polymer 'SODIUM ION'
5 water water
#
_entity_poly.entity_id   1
_entity_poly.type   'polypeptide(L)'
_entity_poly.pdbx_seq_one_letter_code
;SMSYTWTGALITPCAAEESKLPINPLSNSLLRHHNMVYATTSRSASLRQKKVTFDRLQVLDDHYRDVLKEMKAKASTVKA
KLLSIEEACKLTPPHSAKSKFGYGAKDVRNLSSRAVNHIRSVWEDLLEDTETPIDTTIMAKSEVFCVQPEKGGRKPARLI
VFPDLGVRVCEKMALYDVVSTLPQAVMGSSYGFQYSPKQRVEFLVNTWKSKKCPMGFSYDTRCFDSTVTESDIRVEESIY
QCCDLAPEARQAIRSLTERLYIGGPLTNSKGQNCGYRRCRASGVLTTSCGNTLTCYLKATAACRAAKLQDCTMLVNGDDL
VVICESAGTQEDAAALRAFTEAMTRYSAPPGDPPQPEYDLELITSCSSNVSVAHDASGKRVYYLTRDPTTPLARAAWETA
RHTPINSWLGNIIMYAPTLWARMILMTHFFSILLAQEQLEKALDCQIYGACYSIEPLDLPQIIERLHGLSAFTLHSYSPG
EINRVASCLRKLGVPPLRTWRHRARSVRAKLLSQGGRAATCGRYLFNWAVRTKLKLTPIPAASQLDLSGWFVAGYSGGDI
YHSLSRARPRHHHHHH
;
_entity_poly.pdbx_strand_id   A,B
#
loop_
_chem_comp.id
_chem_comp.type
_chem_comp.name
_chem_comp.formula
1JE non-polymer '[(1R)-5,8-dichloro-1-propyl-1,3,4,9-tetrahydropyrano[3,4-b]indol-1-yl]acetic acid' 'C16 H17 Cl2 N O3'
NA non-polymer 'SODIUM ION' 'Na 1'
SO4 non-polymer 'SULFATE ION' 'O4 S -2'
#
# COMPACT_ATOMS: atom_id res chain seq x y z
N SER A 1 10.36 22.60 -7.86
CA SER A 1 9.50 23.80 -7.90
C SER A 1 9.80 24.71 -6.72
N MET A 2 9.24 25.93 -6.76
CA MET A 2 9.43 26.90 -5.69
C MET A 2 8.57 26.51 -4.48
N SER A 3 9.18 26.51 -3.31
CA SER A 3 8.48 26.17 -2.08
C SER A 3 7.26 27.05 -1.91
N TYR A 4 7.38 28.32 -2.31
CA TYR A 4 6.28 29.27 -2.22
C TYR A 4 6.37 30.27 -3.37
N THR A 5 5.23 30.86 -3.71
CA THR A 5 5.13 31.90 -4.71
C THR A 5 4.31 32.96 -3.97
N TRP A 6 4.75 34.21 -4.00
CA TRP A 6 4.05 35.27 -3.30
C TRP A 6 3.48 36.35 -4.23
N THR A 7 2.31 36.86 -3.87
CA THR A 7 1.64 37.90 -4.65
C THR A 7 2.08 39.30 -4.24
N GLY A 8 2.43 39.45 -2.96
CA GLY A 8 2.81 40.76 -2.46
C GLY A 8 1.91 41.14 -1.31
N ALA A 9 0.72 40.54 -1.26
CA ALA A 9 -0.19 40.81 -0.16
C ALA A 9 0.57 40.43 1.11
N LEU A 10 0.38 41.19 2.17
CA LEU A 10 1.10 40.93 3.41
C LEU A 10 0.49 39.86 4.30
N ILE A 11 1.34 39.21 5.09
CA ILE A 11 0.87 38.23 6.04
C ILE A 11 0.43 39.15 7.18
N THR A 12 -0.87 39.19 7.42
CA THR A 12 -1.43 40.07 8.42
C THR A 12 -1.90 39.45 9.73
N PRO A 13 -1.92 40.25 10.80
CA PRO A 13 -2.36 39.80 12.13
C PRO A 13 -3.87 39.98 12.20
N CYS A 14 -4.55 39.21 13.03
CA CYS A 14 -6.00 39.35 13.15
C CYS A 14 -6.36 40.11 14.42
N ALA A 15 -5.35 40.75 15.02
CA ALA A 15 -5.53 41.52 16.23
C ALA A 15 -4.19 42.13 16.66
N ALA A 16 -4.22 43.02 17.64
CA ALA A 16 -2.99 43.66 18.12
C ALA A 16 -1.99 42.57 18.52
N GLU A 17 -0.70 42.85 18.30
CA GLU A 17 0.34 41.89 18.63
C GLU A 17 1.32 42.43 19.65
N GLU A 18 1.44 41.73 20.79
CA GLU A 18 2.36 42.13 21.83
C GLU A 18 3.73 41.58 21.50
N SER A 19 4.77 42.39 21.70
CA SER A 19 6.13 41.95 21.39
C SER A 19 7.11 42.16 22.53
N LYS A 20 6.74 42.96 23.53
CA LYS A 20 7.63 43.24 24.64
C LYS A 20 7.13 42.69 25.98
N LEU A 21 8.08 42.26 26.82
CA LEU A 21 7.73 41.74 28.13
C LEU A 21 7.34 42.93 28.99
N PRO A 22 6.15 42.88 29.58
CA PRO A 22 5.68 43.97 30.44
C PRO A 22 6.52 44.11 31.70
N ILE A 23 6.44 45.27 32.34
CA ILE A 23 7.15 45.52 33.59
C ILE A 23 6.11 45.15 34.62
N ASN A 24 6.23 43.94 35.17
CA ASN A 24 5.27 43.42 36.13
C ASN A 24 6.00 42.88 37.34
N PRO A 25 5.54 43.21 38.55
CA PRO A 25 6.17 42.74 39.78
C PRO A 25 6.31 41.23 39.87
N LEU A 26 5.33 40.51 39.33
CA LEU A 26 5.36 39.05 39.38
C LEU A 26 6.46 38.49 38.48
N SER A 27 6.53 38.96 37.24
CA SER A 27 7.55 38.48 36.33
C SER A 27 8.93 39.05 36.71
N ASN A 28 8.95 40.26 37.24
CA ASN A 28 10.21 40.89 37.63
C ASN A 28 10.96 40.16 38.74
N SER A 29 10.25 39.46 39.61
CA SER A 29 10.90 38.71 40.68
C SER A 29 11.57 37.47 40.11
N LEU A 30 11.15 37.06 38.92
CA LEU A 30 11.73 35.90 38.24
C LEU A 30 12.84 36.32 37.27
N LEU A 31 12.56 37.34 36.46
CA LEU A 31 13.52 37.79 35.45
C LEU A 31 13.50 39.33 35.36
N ARG A 32 14.63 39.95 35.70
CA ARG A 32 14.76 41.41 35.70
C ARG A 32 15.09 42.07 34.37
N HIS A 33 15.83 41.40 33.50
CA HIS A 33 16.19 41.97 32.20
C HIS A 33 15.05 41.82 31.20
N HIS A 34 13.92 42.46 31.49
CA HIS A 34 12.74 42.38 30.65
C HIS A 34 12.95 42.77 29.19
N ASN A 35 13.88 43.69 28.92
CA ASN A 35 14.14 44.10 27.55
C ASN A 35 14.75 43.02 26.68
N MET A 36 15.27 41.96 27.29
CA MET A 36 15.87 40.86 26.53
C MET A 36 14.85 39.83 26.06
N VAL A 37 13.62 39.91 26.55
CA VAL A 37 12.58 38.96 26.19
C VAL A 37 11.62 39.58 25.16
N TYR A 38 11.34 38.85 24.09
CA TYR A 38 10.45 39.36 23.05
C TYR A 38 9.60 38.25 22.45
N ALA A 39 8.54 38.64 21.75
CA ALA A 39 7.67 37.68 21.09
C ALA A 39 7.69 38.04 19.61
N THR A 40 7.74 37.03 18.74
CA THR A 40 7.75 37.29 17.31
C THR A 40 6.38 37.81 16.87
N THR A 41 6.36 38.62 15.82
CA THR A 41 5.10 39.17 15.30
C THR A 41 5.12 39.12 13.78
N SER A 42 4.00 39.51 13.18
CA SER A 42 3.88 39.52 11.73
C SER A 42 4.82 40.55 11.11
N ARG A 43 5.36 41.44 11.94
CA ARG A 43 6.26 42.48 11.44
C ARG A 43 7.55 41.92 10.85
N SER A 44 7.91 40.70 11.23
CA SER A 44 9.12 40.09 10.70
C SER A 44 8.82 39.00 9.67
N ALA A 45 7.54 38.87 9.34
CA ALA A 45 7.10 37.84 8.38
C ALA A 45 7.87 37.82 7.06
N SER A 46 8.15 38.99 6.50
CA SER A 46 8.86 39.04 5.22
C SER A 46 10.27 38.47 5.31
N LEU A 47 10.90 38.61 6.47
CA LEU A 47 12.25 38.06 6.64
C LEU A 47 12.16 36.54 6.61
N ARG A 48 11.11 35.99 7.20
CA ARG A 48 10.93 34.53 7.21
C ARG A 48 10.60 34.05 5.80
N GLN A 49 9.74 34.79 5.11
CA GLN A 49 9.34 34.43 3.75
C GLN A 49 10.56 34.29 2.86
N LYS A 50 11.48 35.24 2.99
CA LYS A 50 12.69 35.20 2.18
C LYS A 50 13.52 33.95 2.44
N LYS A 51 13.63 33.54 3.70
CA LYS A 51 14.42 32.37 4.02
C LYS A 51 13.80 31.03 3.60
N VAL A 52 12.47 30.96 3.61
CA VAL A 52 11.80 29.70 3.26
C VAL A 52 11.39 29.57 1.79
N THR A 53 11.69 30.59 1.00
CA THR A 53 11.32 30.58 -0.41
C THR A 53 12.52 30.25 -1.30
N PHE A 54 12.48 29.09 -1.94
CA PHE A 54 13.57 28.68 -2.81
C PHE A 54 13.16 27.49 -3.69
N ASP A 55 13.90 27.29 -4.78
CA ASP A 55 13.63 26.19 -5.71
C ASP A 55 14.29 24.95 -5.12
N ARG A 56 13.52 23.88 -4.92
CA ARG A 56 14.09 22.67 -4.34
C ARG A 56 14.90 21.85 -5.33
N LEU A 57 15.89 21.15 -4.81
CA LEU A 57 16.74 20.27 -5.59
C LEU A 57 16.50 18.88 -5.00
N GLN A 58 16.20 17.91 -5.85
CA GLN A 58 15.97 16.56 -5.37
C GLN A 58 16.33 15.48 -6.39
N VAL A 59 17.21 14.59 -5.97
CA VAL A 59 17.68 13.47 -6.79
C VAL A 59 17.58 12.20 -5.94
N LEU A 60 16.71 11.28 -6.34
CA LEU A 60 16.53 10.05 -5.60
C LEU A 60 17.40 8.93 -6.19
N ASP A 61 17.87 8.02 -5.35
CA ASP A 61 18.71 6.92 -5.83
C ASP A 61 18.20 5.57 -5.33
N ASP A 62 18.96 4.51 -5.62
CA ASP A 62 18.57 3.17 -5.21
C ASP A 62 18.46 3.00 -3.68
N HIS A 63 19.33 3.67 -2.94
CA HIS A 63 19.27 3.55 -1.48
C HIS A 63 17.94 4.09 -0.97
N TYR A 64 17.55 5.23 -1.51
CA TYR A 64 16.28 5.87 -1.14
C TYR A 64 15.14 4.92 -1.45
N ARG A 65 15.12 4.40 -2.67
CA ARG A 65 14.07 3.49 -3.08
C ARG A 65 14.09 2.19 -2.28
N ASP A 66 15.28 1.71 -1.92
CA ASP A 66 15.38 0.48 -1.13
C ASP A 66 14.75 0.69 0.24
N VAL A 67 15.11 1.78 0.89
CA VAL A 67 14.58 2.09 2.22
C VAL A 67 13.06 2.30 2.18
N LEU A 68 12.57 2.99 1.15
CA LEU A 68 11.14 3.23 1.03
C LEU A 68 10.37 1.92 0.99
N LYS A 69 10.86 0.96 0.22
CA LYS A 69 10.21 -0.34 0.12
C LYS A 69 10.22 -1.07 1.46
N GLU A 70 11.32 -0.96 2.19
CA GLU A 70 11.41 -1.60 3.51
C GLU A 70 10.36 -0.99 4.44
N MET A 71 10.18 0.32 4.33
CA MET A 71 9.21 1.03 5.15
C MET A 71 7.77 0.63 4.77
N LYS A 72 7.52 0.53 3.46
CA LYS A 72 6.19 0.17 2.98
C LYS A 72 5.80 -1.25 3.40
N ALA A 73 6.76 -2.16 3.41
CA ALA A 73 6.49 -3.54 3.81
C ALA A 73 5.98 -3.55 5.25
N LYS A 74 6.56 -2.71 6.11
CA LYS A 74 6.12 -2.65 7.49
C LYS A 74 4.75 -1.99 7.58
N ALA A 75 4.54 -0.96 6.77
CA ALA A 75 3.27 -0.25 6.77
C ALA A 75 2.13 -1.17 6.34
N SER A 76 2.46 -2.16 5.52
CA SER A 76 1.48 -3.13 5.00
C SER A 76 0.83 -3.99 6.07
N THR A 77 1.38 -3.97 7.28
CA THR A 77 0.84 -4.76 8.39
C THR A 77 -0.20 -3.97 9.18
N VAL A 78 -0.37 -2.70 8.84
CA VAL A 78 -1.29 -1.84 9.56
C VAL A 78 -2.72 -1.80 9.06
N LYS A 79 -3.66 -1.73 10.00
CA LYS A 79 -5.07 -1.60 9.67
C LYS A 79 -5.58 -0.38 10.44
N ALA A 80 -6.00 0.65 9.71
CA ALA A 80 -6.50 1.89 10.32
C ALA A 80 -8.02 1.85 10.26
N LYS A 81 -8.70 2.37 11.28
CA LYS A 81 -10.15 2.27 11.32
C LYS A 81 -11.13 3.33 10.80
N LEU A 82 -10.74 4.60 10.83
CA LEU A 82 -11.63 5.68 10.39
C LEU A 82 -12.46 6.10 11.60
N LEU A 83 -12.25 7.34 12.05
CA LEU A 83 -12.96 7.85 13.21
C LEU A 83 -14.37 8.32 12.89
N SER A 84 -15.26 8.23 13.88
CA SER A 84 -16.62 8.68 13.70
C SER A 84 -16.57 10.19 13.88
N ILE A 85 -17.61 10.89 13.44
CA ILE A 85 -17.63 12.34 13.58
C ILE A 85 -17.49 12.71 15.05
N GLU A 86 -18.17 11.95 15.91
CA GLU A 86 -18.14 12.20 17.34
C GLU A 86 -16.73 12.10 17.91
N GLU A 87 -16.03 11.03 17.56
CA GLU A 87 -14.66 10.83 18.04
C GLU A 87 -13.75 11.96 17.58
N ALA A 88 -13.92 12.38 16.34
CA ALA A 88 -13.11 13.45 15.76
C ALA A 88 -13.43 14.78 16.45
N CYS A 89 -14.70 15.04 16.68
CA CYS A 89 -15.11 16.27 17.33
C CYS A 89 -14.50 16.39 18.74
N LYS A 90 -14.47 15.26 19.45
CA LYS A 90 -13.93 15.22 20.81
C LYS A 90 -12.43 15.48 20.86
N LEU A 91 -11.74 15.25 19.74
CA LEU A 91 -10.30 15.47 19.68
C LEU A 91 -9.99 16.93 19.40
N THR A 92 -11.04 17.72 19.20
CA THR A 92 -10.87 19.14 18.89
C THR A 92 -10.71 20.00 20.14
N PRO A 93 -9.64 20.82 20.17
CA PRO A 93 -9.36 21.71 21.30
C PRO A 93 -10.48 22.74 21.47
N PRO A 94 -10.88 22.99 22.72
CA PRO A 94 -11.95 23.95 23.03
C PRO A 94 -11.71 25.34 22.42
N HIS A 95 -10.44 25.72 22.27
CA HIS A 95 -10.13 27.03 21.70
C HIS A 95 -9.55 26.98 20.29
N SER A 96 -9.79 25.89 19.58
CA SER A 96 -9.32 25.73 18.21
C SER A 96 -9.94 26.84 17.36
N ALA A 97 -9.21 27.32 16.35
CA ALA A 97 -9.71 28.38 15.48
C ALA A 97 -11.09 28.04 14.94
N LYS A 98 -12.02 28.99 15.08
CA LYS A 98 -13.39 28.77 14.60
C LYS A 98 -13.42 28.66 13.08
N SER A 99 -14.50 28.08 12.57
CA SER A 99 -14.67 27.94 11.13
C SER A 99 -15.19 29.26 10.57
N LYS A 100 -14.94 29.49 9.29
CA LYS A 100 -15.43 30.71 8.67
C LYS A 100 -16.85 30.43 8.16
N PHE A 101 -17.36 29.24 8.49
CA PHE A 101 -18.69 28.85 8.03
C PHE A 101 -19.80 28.86 9.08
N GLY A 102 -19.69 29.75 10.06
CA GLY A 102 -20.73 29.86 11.08
C GLY A 102 -20.70 29.05 12.36
N TYR A 103 -19.55 28.52 12.75
CA TYR A 103 -19.47 27.74 13.98
C TYR A 103 -18.04 27.66 14.48
N GLY A 104 -17.89 27.38 15.77
CA GLY A 104 -16.55 27.29 16.35
C GLY A 104 -16.24 25.96 17.00
N ALA A 105 -15.13 25.91 17.70
CA ALA A 105 -14.69 24.68 18.37
C ALA A 105 -15.68 24.19 19.42
N LYS A 106 -16.25 25.13 20.18
CA LYS A 106 -17.21 24.76 21.21
C LYS A 106 -18.38 24.04 20.56
N ASP A 107 -18.80 24.53 19.41
CA ASP A 107 -19.90 23.93 18.67
C ASP A 107 -19.55 22.52 18.20
N VAL A 108 -18.32 22.36 17.72
CA VAL A 108 -17.86 21.06 17.25
C VAL A 108 -17.86 20.06 18.39
N ARG A 109 -17.30 20.47 19.53
CA ARG A 109 -17.23 19.59 20.69
C ARG A 109 -18.62 19.25 21.23
N ASN A 110 -19.57 20.15 21.02
CA ASN A 110 -20.95 19.92 21.47
C ASN A 110 -21.76 19.17 20.43
N LEU A 111 -21.17 18.94 19.26
CA LEU A 111 -21.86 18.24 18.18
C LEU A 111 -23.10 18.99 17.73
N SER A 112 -23.01 20.32 17.66
CA SER A 112 -24.14 21.13 17.23
C SER A 112 -24.55 20.75 15.81
N SER A 113 -25.81 20.96 15.49
CA SER A 113 -26.34 20.63 14.17
C SER A 113 -25.60 21.33 13.04
N ARG A 114 -25.33 22.62 13.22
CA ARG A 114 -24.64 23.39 12.19
C ARG A 114 -23.22 22.88 11.93
N ALA A 115 -22.49 22.62 13.01
CA ALA A 115 -21.13 22.13 12.90
C ALA A 115 -21.12 20.75 12.25
N VAL A 116 -21.92 19.83 12.79
CA VAL A 116 -21.99 18.47 12.25
C VAL A 116 -22.40 18.46 10.79
N ASN A 117 -23.40 19.27 10.43
CA ASN A 117 -23.85 19.32 9.04
C ASN A 117 -22.74 19.82 8.11
N HIS A 118 -22.01 20.86 8.53
CA HIS A 118 -20.95 21.38 7.68
C HIS A 118 -19.82 20.36 7.55
N ILE A 119 -19.46 19.71 8.65
CA ILE A 119 -18.39 18.72 8.64
C ILE A 119 -18.75 17.59 7.68
N ARG A 120 -20.00 17.15 7.70
CA ARG A 120 -20.45 16.08 6.82
C ARG A 120 -20.35 16.52 5.35
N SER A 121 -20.63 17.79 5.07
CA SER A 121 -20.56 18.27 3.69
C SER A 121 -19.11 18.37 3.23
N VAL A 122 -18.21 18.71 4.15
CA VAL A 122 -16.79 18.79 3.82
C VAL A 122 -16.30 17.38 3.50
N TRP A 123 -16.74 16.41 4.31
CA TRP A 123 -16.35 15.02 4.10
C TRP A 123 -16.81 14.54 2.72
N GLU A 124 -18.07 14.75 2.40
CA GLU A 124 -18.60 14.34 1.10
C GLU A 124 -17.87 15.03 -0.05
N ASP A 125 -17.44 16.27 0.16
CA ASP A 125 -16.71 16.99 -0.88
C ASP A 125 -15.33 16.36 -1.10
N LEU A 126 -14.72 15.86 -0.04
CA LEU A 126 -13.43 15.19 -0.16
C LEU A 126 -13.60 13.89 -0.95
N LEU A 127 -14.76 13.26 -0.81
CA LEU A 127 -15.03 12.02 -1.53
C LEU A 127 -15.33 12.24 -3.02
N GLU A 128 -15.98 13.35 -3.33
CA GLU A 128 -16.37 13.67 -4.70
C GLU A 128 -15.37 14.48 -5.52
N ASP A 129 -14.70 15.42 -4.87
CA ASP A 129 -13.72 16.27 -5.56
C ASP A 129 -12.33 15.79 -5.18
N THR A 130 -11.60 15.28 -6.18
CA THR A 130 -10.26 14.75 -5.94
C THR A 130 -9.13 15.69 -6.36
N GLU A 131 -9.48 16.89 -6.83
CA GLU A 131 -8.45 17.80 -7.32
C GLU A 131 -8.36 19.24 -6.83
N THR A 132 -9.50 19.89 -6.62
CA THR A 132 -9.49 21.30 -6.23
C THR A 132 -8.68 21.64 -4.99
N PRO A 133 -7.68 22.52 -5.13
CA PRO A 133 -6.87 22.89 -3.97
C PRO A 133 -7.76 23.46 -2.86
N ILE A 134 -7.48 23.06 -1.62
CA ILE A 134 -8.25 23.52 -0.48
C ILE A 134 -7.60 24.78 0.09
N ASP A 135 -8.41 25.76 0.46
CA ASP A 135 -7.89 27.00 0.98
C ASP A 135 -7.23 26.84 2.34
N THR A 136 -6.24 27.69 2.60
CA THR A 136 -5.55 27.68 3.89
C THR A 136 -5.28 29.11 4.29
N THR A 137 -5.15 29.33 5.60
CA THR A 137 -4.85 30.64 6.11
C THR A 137 -3.38 30.63 6.51
N ILE A 138 -2.68 31.72 6.27
CA ILE A 138 -1.27 31.81 6.68
C ILE A 138 -1.20 32.93 7.71
N MET A 139 -0.49 32.68 8.80
CA MET A 139 -0.32 33.65 9.88
C MET A 139 1.12 33.62 10.38
N ALA A 140 1.51 34.70 11.06
CA ALA A 140 2.84 34.76 11.65
C ALA A 140 2.66 34.20 13.05
N LYS A 141 3.49 33.24 13.43
CA LYS A 141 3.39 32.63 14.75
C LYS A 141 3.98 33.53 15.84
N SER A 142 3.34 33.53 17.00
CA SER A 142 3.81 34.34 18.12
C SER A 142 4.53 33.45 19.12
N GLU A 143 5.86 33.52 19.11
CA GLU A 143 6.67 32.71 20.02
C GLU A 143 7.63 33.62 20.79
N VAL A 144 7.88 33.29 22.06
CA VAL A 144 8.77 34.09 22.90
C VAL A 144 10.20 33.54 22.98
N PHE A 145 11.15 34.45 22.91
CA PHE A 145 12.57 34.09 22.97
C PHE A 145 13.38 35.17 23.70
N CYS A 146 14.64 34.86 23.96
CA CYS A 146 15.55 35.82 24.59
C CYS A 146 16.42 36.30 23.43
N VAL A 147 16.70 37.60 23.39
CA VAL A 147 17.54 38.14 22.31
C VAL A 147 18.87 37.39 22.27
N GLN A 148 19.45 37.31 21.09
CA GLN A 148 20.72 36.61 20.90
C GLN A 148 21.89 37.59 20.89
N PRO A 149 23.10 37.09 21.19
CA PRO A 149 24.31 37.91 21.21
C PRO A 149 24.59 38.54 19.85
N ARG A 154 17.53 38.97 16.42
CA ARG A 154 16.27 38.25 16.78
C ARG A 154 15.81 37.32 15.67
N LYS A 155 14.97 36.36 16.03
CA LYS A 155 14.45 35.40 15.07
C LYS A 155 13.16 35.91 14.44
N PRO A 156 13.01 35.78 13.13
CA PRO A 156 11.76 36.26 12.53
C PRO A 156 10.66 35.25 12.85
N ALA A 157 9.42 35.69 12.82
CA ALA A 157 8.30 34.82 13.13
C ALA A 157 8.22 33.63 12.17
N ARG A 158 7.81 32.48 12.70
CA ARG A 158 7.64 31.29 11.87
C ARG A 158 6.30 31.48 11.17
N LEU A 159 6.09 30.81 10.05
CA LEU A 159 4.83 30.91 9.32
C LEU A 159 3.97 29.68 9.55
N ILE A 160 2.73 29.89 10.00
CA ILE A 160 1.84 28.75 10.20
C ILE A 160 0.76 28.77 9.13
N VAL A 161 0.50 27.60 8.56
CA VAL A 161 -0.49 27.44 7.50
C VAL A 161 -1.47 26.35 7.90
N PHE A 162 -2.76 26.67 7.89
CA PHE A 162 -3.79 25.72 8.28
C PHE A 162 -5.12 25.91 7.54
N PRO A 163 -5.87 24.80 7.34
CA PRO A 163 -7.16 24.85 6.66
C PRO A 163 -8.26 25.13 7.68
N ASP A 164 -9.47 25.33 7.19
CA ASP A 164 -10.62 25.61 8.05
C ASP A 164 -10.96 24.47 9.01
N LEU A 165 -11.61 24.82 10.12
CA LEU A 165 -12.00 23.85 11.15
C LEU A 165 -12.73 22.62 10.62
N GLY A 166 -13.61 22.82 9.64
CA GLY A 166 -14.34 21.69 9.08
C GLY A 166 -13.38 20.67 8.48
N VAL A 167 -12.41 21.15 7.71
CA VAL A 167 -11.43 20.28 7.10
C VAL A 167 -10.60 19.58 8.18
N ARG A 168 -10.21 20.31 9.21
CA ARG A 168 -9.40 19.72 10.28
C ARG A 168 -10.10 18.53 10.95
N VAL A 169 -11.42 18.62 11.10
CA VAL A 169 -12.16 17.52 11.72
C VAL A 169 -12.15 16.32 10.77
N CYS A 170 -12.29 16.58 9.47
CA CYS A 170 -12.27 15.50 8.49
C CYS A 170 -10.90 14.82 8.45
N GLU A 171 -9.84 15.60 8.62
CA GLU A 171 -8.50 15.01 8.62
C GLU A 171 -8.42 13.96 9.72
N LYS A 172 -8.95 14.31 10.90
CA LYS A 172 -8.95 13.39 12.03
C LYS A 172 -9.68 12.09 11.71
N MET A 173 -10.88 12.23 11.14
CA MET A 173 -11.66 11.03 10.80
C MET A 173 -10.89 10.10 9.88
N ALA A 174 -10.28 10.66 8.85
CA ALA A 174 -9.55 9.83 7.89
C ALA A 174 -8.15 9.39 8.28
N LEU A 175 -7.44 10.23 9.05
CA LEU A 175 -6.05 9.94 9.38
C LEU A 175 -5.60 9.90 10.84
N TYR A 176 -6.46 10.21 11.79
CA TYR A 176 -6.01 10.19 13.18
C TYR A 176 -5.40 8.84 13.59
N ASP A 177 -6.10 7.76 13.27
CA ASP A 177 -5.60 6.44 13.63
C ASP A 177 -4.30 6.13 12.90
N VAL A 178 -4.23 6.52 11.63
CA VAL A 178 -3.02 6.30 10.85
C VAL A 178 -1.81 7.02 11.45
N VAL A 179 -1.90 8.33 11.67
CA VAL A 179 -0.76 9.06 12.21
C VAL A 179 -0.44 8.74 13.67
N SER A 180 -1.33 8.02 14.33
CA SER A 180 -1.12 7.64 15.72
C SER A 180 -0.51 6.25 15.86
N THR A 181 -0.57 5.46 14.80
CA THR A 181 -0.07 4.09 14.88
C THR A 181 0.94 3.66 13.83
N LEU A 182 0.85 4.25 12.64
CA LEU A 182 1.75 3.86 11.55
C LEU A 182 3.23 4.15 11.78
N PRO A 183 3.58 5.34 12.31
CA PRO A 183 4.98 5.70 12.55
C PRO A 183 5.75 4.63 13.35
N GLN A 184 5.14 4.16 14.44
CA GLN A 184 5.79 3.16 15.27
C GLN A 184 5.87 1.80 14.55
N ALA A 185 4.84 1.48 13.78
CA ALA A 185 4.84 0.23 13.03
C ALA A 185 5.95 0.23 11.98
N VAL A 186 6.21 1.40 11.40
CA VAL A 186 7.21 1.54 10.36
C VAL A 186 8.65 1.76 10.84
N MET A 187 8.82 2.63 11.84
CA MET A 187 10.16 2.94 12.32
C MET A 187 10.57 2.25 13.62
N GLY A 188 9.63 1.56 14.25
CA GLY A 188 9.96 0.85 15.48
C GLY A 188 10.58 1.71 16.57
N SER A 189 11.69 1.26 17.13
CA SER A 189 12.35 1.97 18.21
C SER A 189 12.91 3.35 17.84
N SER A 190 13.01 3.63 16.55
CA SER A 190 13.51 4.93 16.10
C SER A 190 12.46 6.05 16.15
N TYR A 191 11.20 5.68 16.37
CA TYR A 191 10.14 6.69 16.45
C TYR A 191 10.21 7.37 17.83
N GLY A 192 10.67 8.61 17.84
CA GLY A 192 10.84 9.34 19.08
C GLY A 192 9.64 9.66 19.96
N PHE A 193 8.48 9.90 19.37
CA PHE A 193 7.31 10.25 20.16
C PHE A 193 6.67 9.15 21.01
N GLN A 194 7.20 7.93 20.93
CA GLN A 194 6.66 6.82 21.73
C GLN A 194 7.32 6.82 23.11
N TYR A 195 8.30 7.69 23.30
CA TYR A 195 9.03 7.75 24.56
C TYR A 195 8.74 8.94 25.46
N SER A 196 8.73 8.67 26.76
CA SER A 196 8.56 9.73 27.75
C SER A 196 10.02 10.21 27.84
N PRO A 197 10.27 11.32 28.54
CA PRO A 197 11.66 11.78 28.64
C PRO A 197 12.61 10.71 29.20
N LYS A 198 12.15 10.02 30.23
CA LYS A 198 12.96 8.97 30.86
C LYS A 198 13.23 7.83 29.89
N GLN A 199 12.21 7.45 29.12
CA GLN A 199 12.39 6.37 28.14
C GLN A 199 13.28 6.81 26.99
N ARG A 200 13.23 8.10 26.63
CA ARG A 200 14.08 8.61 25.55
C ARG A 200 15.55 8.51 25.98
N VAL A 201 15.81 8.91 27.21
CA VAL A 201 17.16 8.84 27.78
C VAL A 201 17.64 7.39 27.82
N GLU A 202 16.74 6.49 28.19
CA GLU A 202 17.07 5.07 28.26
C GLU A 202 17.48 4.56 26.88
N PHE A 203 16.68 4.89 25.86
CA PHE A 203 16.99 4.47 24.50
C PHE A 203 18.34 5.03 24.03
N LEU A 204 18.56 6.32 24.27
CA LEU A 204 19.81 6.95 23.87
C LEU A 204 21.00 6.32 24.57
N VAL A 205 20.89 6.15 25.89
CA VAL A 205 21.97 5.56 26.66
C VAL A 205 22.28 4.13 26.23
N ASN A 206 21.26 3.28 26.12
CA ASN A 206 21.49 1.91 25.71
C ASN A 206 22.05 1.82 24.30
N THR A 207 21.54 2.66 23.40
CA THR A 207 22.02 2.68 22.02
C THR A 207 23.50 3.05 22.00
N TRP A 208 23.86 4.07 22.77
CA TRP A 208 25.25 4.52 22.85
C TRP A 208 26.13 3.41 23.40
N LYS A 209 25.66 2.75 24.46
CA LYS A 209 26.42 1.68 25.10
C LYS A 209 26.54 0.42 24.25
N SER A 210 25.65 0.25 23.29
CA SER A 210 25.66 -0.94 22.44
C SER A 210 26.72 -0.91 21.34
N LYS A 211 27.28 0.27 21.08
CA LYS A 211 28.29 0.41 20.03
C LYS A 211 29.69 0.08 20.53
N LYS A 212 30.49 -0.55 19.67
CA LYS A 212 31.87 -0.89 20.02
C LYS A 212 32.62 0.40 20.33
N CYS A 213 32.45 1.40 19.46
CA CYS A 213 33.08 2.70 19.62
C CYS A 213 32.09 3.71 19.04
N PRO A 214 31.18 4.20 19.89
CA PRO A 214 30.12 5.15 19.54
C PRO A 214 30.52 6.53 19.03
N MET A 215 29.74 7.00 18.06
CA MET A 215 29.90 8.34 17.48
C MET A 215 28.47 8.76 17.22
N GLY A 216 28.15 10.01 17.53
CA GLY A 216 26.80 10.48 17.31
C GLY A 216 26.77 11.90 16.82
N PHE A 217 25.62 12.30 16.28
CA PHE A 217 25.45 13.65 15.79
C PHE A 217 23.99 13.97 15.57
N SER A 218 23.64 15.24 15.76
CA SER A 218 22.29 15.70 15.50
C SER A 218 22.38 16.31 14.10
N TYR A 219 21.31 16.21 13.31
CA TYR A 219 21.32 16.78 11.98
C TYR A 219 20.19 17.79 11.88
N ASP A 220 20.57 19.04 11.64
CA ASP A 220 19.61 20.13 11.54
C ASP A 220 19.35 20.45 10.07
N THR A 221 18.14 20.15 9.60
CA THR A 221 17.80 20.43 8.21
C THR A 221 17.35 21.89 8.14
N ARG A 222 17.89 22.66 7.19
CA ARG A 222 17.51 24.06 7.07
C ARG A 222 16.02 24.17 6.72
N CYS A 223 15.24 24.76 7.62
CA CYS A 223 13.79 24.95 7.41
C CYS A 223 13.16 23.73 6.73
N PHE A 224 13.12 22.63 7.47
CA PHE A 224 12.60 21.36 6.98
C PHE A 224 11.29 21.41 6.19
N ASP A 225 10.27 22.05 6.72
CA ASP A 225 8.98 22.10 6.02
C ASP A 225 9.07 22.60 4.57
N SER A 226 9.88 23.64 4.35
CA SER A 226 10.03 24.19 3.01
C SER A 226 10.83 23.28 2.08
N THR A 227 11.57 22.32 2.65
CA THR A 227 12.35 21.40 1.83
C THR A 227 11.53 20.20 1.38
N VAL A 228 10.37 19.99 2.01
CA VAL A 228 9.51 18.87 1.65
C VAL A 228 8.90 19.12 0.27
N THR A 229 9.14 18.19 -0.66
CA THR A 229 8.65 18.33 -2.02
C THR A 229 7.33 17.63 -2.27
N GLU A 230 6.75 17.89 -3.44
CA GLU A 230 5.50 17.25 -3.83
C GLU A 230 5.73 15.75 -3.85
N SER A 231 6.89 15.35 -4.36
CA SER A 231 7.26 13.93 -4.43
C SER A 231 7.27 13.34 -3.02
N ASP A 232 7.90 14.05 -2.08
CA ASP A 232 7.98 13.59 -0.70
C ASP A 232 6.59 13.31 -0.11
N ILE A 233 5.66 14.22 -0.38
CA ILE A 233 4.31 14.10 0.15
C ILE A 233 3.52 12.95 -0.48
N ARG A 234 3.79 12.66 -1.75
CA ARG A 234 3.11 11.55 -2.40
C ARG A 234 3.76 10.23 -1.97
N VAL A 235 5.07 10.27 -1.69
CA VAL A 235 5.76 9.09 -1.20
C VAL A 235 5.18 8.77 0.18
N GLU A 236 4.94 9.82 0.95
CA GLU A 236 4.36 9.68 2.27
C GLU A 236 2.96 9.04 2.13
N GLU A 237 2.18 9.52 1.17
CA GLU A 237 0.87 8.96 0.95
C GLU A 237 0.96 7.49 0.53
N SER A 238 1.99 7.15 -0.25
CA SER A 238 2.15 5.77 -0.71
C SER A 238 2.33 4.84 0.48
N ILE A 239 2.89 5.37 1.57
CA ILE A 239 3.09 4.58 2.78
C ILE A 239 1.74 4.40 3.48
N TYR A 240 0.97 5.48 3.62
CA TYR A 240 -0.34 5.39 4.26
C TYR A 240 -1.26 4.46 3.47
N GLN A 241 -1.12 4.45 2.16
CA GLN A 241 -1.96 3.63 1.29
C GLN A 241 -1.73 2.13 1.46
N CYS A 242 -0.65 1.75 2.15
CA CYS A 242 -0.37 0.32 2.37
C CYS A 242 -1.21 -0.20 3.53
N CYS A 243 -1.86 0.70 4.27
CA CYS A 243 -2.70 0.30 5.38
C CYS A 243 -4.02 -0.27 4.87
N ASP A 244 -4.65 -1.14 5.65
CA ASP A 244 -5.95 -1.63 5.27
C ASP A 244 -6.82 -0.42 5.64
N LEU A 245 -7.61 0.05 4.70
CA LEU A 245 -8.44 1.23 4.93
C LEU A 245 -9.86 1.12 4.43
N ALA A 246 -10.77 1.76 5.13
CA ALA A 246 -12.16 1.79 4.70
C ALA A 246 -12.11 2.55 3.38
N PRO A 247 -12.99 2.23 2.44
CA PRO A 247 -13.02 2.90 1.13
C PRO A 247 -13.07 4.42 1.20
N GLU A 248 -13.95 4.97 2.03
CA GLU A 248 -14.04 6.43 2.14
C GLU A 248 -12.78 7.03 2.74
N ALA A 249 -12.13 6.30 3.65
CA ALA A 249 -10.89 6.80 4.26
C ALA A 249 -9.80 6.83 3.20
N ARG A 250 -9.76 5.79 2.36
CA ARG A 250 -8.75 5.73 1.31
C ARG A 250 -8.94 6.89 0.34
N GLN A 251 -10.18 7.19 -0.01
CA GLN A 251 -10.44 8.30 -0.92
C GLN A 251 -10.12 9.63 -0.23
N ALA A 252 -10.52 9.76 1.04
CA ALA A 252 -10.24 10.99 1.77
C ALA A 252 -8.74 11.27 1.80
N ILE A 253 -7.95 10.24 2.05
CA ILE A 253 -6.49 10.37 2.10
C ILE A 253 -5.92 10.80 0.75
N ARG A 254 -6.44 10.21 -0.32
CA ARG A 254 -6.00 10.52 -1.68
C ARG A 254 -6.36 11.98 -2.00
N SER A 255 -7.60 12.37 -1.69
CA SER A 255 -8.04 13.74 -1.96
C SER A 255 -7.30 14.77 -1.11
N LEU A 256 -7.16 14.52 0.20
CA LEU A 256 -6.45 15.44 1.07
C LEU A 256 -5.00 15.62 0.61
N THR A 257 -4.37 14.53 0.17
CA THR A 257 -3.00 14.61 -0.28
C THR A 257 -2.85 15.59 -1.46
N GLU A 258 -3.72 15.43 -2.46
CA GLU A 258 -3.69 16.27 -3.66
C GLU A 258 -4.22 17.69 -3.50
N ARG A 259 -5.21 17.84 -2.63
CA ARG A 259 -5.85 19.14 -2.43
C ARG A 259 -5.29 19.98 -1.27
N LEU A 260 -4.65 19.33 -0.31
CA LEU A 260 -4.14 20.05 0.85
C LEU A 260 -2.67 19.82 1.19
N TYR A 261 -2.28 18.57 1.36
CA TYR A 261 -0.90 18.27 1.75
C TYR A 261 0.20 18.68 0.77
N ILE A 262 0.01 18.45 -0.53
CA ILE A 262 1.07 18.81 -1.46
C ILE A 262 1.20 20.31 -1.70
N GLY A 263 0.19 21.07 -1.30
CA GLY A 263 0.25 22.51 -1.51
C GLY A 263 -1.13 23.12 -1.72
N GLY A 264 -1.16 24.43 -1.92
CA GLY A 264 -2.42 25.11 -2.12
C GLY A 264 -2.31 26.61 -1.93
N PRO A 265 -3.41 27.36 -2.16
CA PRO A 265 -3.45 28.81 -2.01
C PRO A 265 -3.31 29.26 -0.56
N LEU A 266 -2.67 30.41 -0.37
CA LEU A 266 -2.44 31.00 0.93
C LEU A 266 -3.25 32.28 1.04
N THR A 267 -4.11 32.35 2.05
CA THR A 267 -4.95 33.52 2.26
C THR A 267 -4.63 34.13 3.60
N ASN A 268 -4.49 35.46 3.66
CA ASN A 268 -4.17 36.11 4.93
C ASN A 268 -5.44 36.34 5.75
N SER A 269 -5.28 36.87 6.96
CA SER A 269 -6.41 37.13 7.84
C SER A 269 -7.45 38.06 7.24
N LYS A 270 -7.03 38.89 6.29
CA LYS A 270 -7.94 39.83 5.64
C LYS A 270 -8.69 39.22 4.46
N GLY A 271 -8.45 37.95 4.18
CA GLY A 271 -9.12 37.29 3.08
C GLY A 271 -8.46 37.53 1.73
N GLN A 272 -7.25 38.09 1.75
CA GLN A 272 -6.52 38.37 0.52
C GLN A 272 -5.62 37.21 0.14
N ASN A 273 -5.41 37.02 -1.16
CA ASN A 273 -4.56 35.97 -1.70
C ASN A 273 -3.08 36.35 -1.56
N CYS A 274 -2.36 35.65 -0.68
CA CYS A 274 -0.95 35.91 -0.44
C CYS A 274 -0.01 35.16 -1.39
N GLY A 275 -0.50 34.05 -1.91
CA GLY A 275 0.33 33.28 -2.82
C GLY A 275 -0.04 31.82 -2.85
N TYR A 276 0.97 30.97 -3.05
CA TYR A 276 0.76 29.54 -3.15
C TYR A 276 1.88 28.77 -2.47
N ARG A 277 1.53 27.64 -1.86
CA ARG A 277 2.47 26.78 -1.16
C ARG A 277 2.67 25.47 -1.92
N ARG A 278 3.91 25.01 -2.02
CA ARG A 278 4.21 23.75 -2.70
C ARG A 278 5.11 22.90 -1.79
N CYS A 279 4.96 23.08 -0.49
CA CYS A 279 5.74 22.35 0.50
C CYS A 279 4.85 22.01 1.70
N ARG A 280 5.46 21.46 2.75
CA ARG A 280 4.73 21.07 3.95
C ARG A 280 4.02 22.23 4.65
N ALA A 281 2.75 22.05 4.98
CA ALA A 281 2.00 23.06 5.72
C ALA A 281 2.24 22.71 7.18
N SER A 282 2.53 23.69 8.02
CA SER A 282 2.79 23.41 9.43
C SER A 282 1.55 22.98 10.21
N GLY A 283 0.39 23.50 9.81
CA GLY A 283 -0.82 23.20 10.55
C GLY A 283 -1.83 22.19 10.03
N VAL A 284 -1.37 21.00 9.70
CA VAL A 284 -2.28 19.94 9.25
C VAL A 284 -1.97 18.70 10.09
N LEU A 285 -2.90 17.76 10.14
CA LEU A 285 -2.73 16.57 10.97
C LEU A 285 -1.52 15.70 10.67
N THR A 286 -1.17 15.56 9.39
CA THR A 286 -0.05 14.72 8.98
C THR A 286 1.35 15.32 9.07
N THR A 287 1.45 16.58 9.48
CA THR A 287 2.77 17.20 9.54
C THR A 287 3.79 16.49 10.42
N SER A 288 3.40 16.12 11.65
CA SER A 288 4.35 15.44 12.52
C SER A 288 4.74 14.06 11.99
N CYS A 289 3.73 13.25 11.66
CA CYS A 289 3.95 11.92 11.13
C CYS A 289 4.69 11.98 9.79
N GLY A 290 4.22 12.86 8.91
CA GLY A 290 4.84 13.02 7.61
C GLY A 290 6.28 13.47 7.68
N ASN A 291 6.57 14.45 8.55
CA ASN A 291 7.95 14.92 8.67
C ASN A 291 8.83 13.81 9.26
N THR A 292 8.31 13.06 10.23
CA THR A 292 9.09 11.98 10.83
C THR A 292 9.44 10.89 9.81
N LEU A 293 8.45 10.44 9.05
CA LEU A 293 8.70 9.40 8.04
C LEU A 293 9.67 9.91 6.98
N THR A 294 9.48 11.14 6.53
CA THR A 294 10.31 11.73 5.50
C THR A 294 11.76 11.88 5.98
N CYS A 295 11.93 12.37 7.20
CA CYS A 295 13.26 12.55 7.77
C CYS A 295 13.95 11.19 7.97
N TYR A 296 13.19 10.23 8.49
CA TYR A 296 13.71 8.88 8.73
C TYR A 296 14.11 8.21 7.41
N LEU A 297 13.28 8.38 6.38
CA LEU A 297 13.56 7.79 5.08
C LEU A 297 14.83 8.38 4.48
N LYS A 298 14.93 9.70 4.42
CA LYS A 298 16.11 10.34 3.86
C LYS A 298 17.38 10.03 4.65
N ALA A 299 17.29 10.10 5.97
CA ALA A 299 18.46 9.84 6.80
C ALA A 299 18.95 8.39 6.72
N THR A 300 18.01 7.45 6.75
CA THR A 300 18.36 6.05 6.68
C THR A 300 19.06 5.74 5.36
N ALA A 301 18.53 6.30 4.27
CA ALA A 301 19.14 6.09 2.97
C ALA A 301 20.48 6.82 2.88
N ALA A 302 20.55 8.01 3.44
CA ALA A 302 21.79 8.80 3.43
C ALA A 302 22.92 8.08 4.17
N CYS A 303 22.59 7.39 5.26
CA CYS A 303 23.61 6.67 6.01
C CYS A 303 24.23 5.58 5.15
N ARG A 304 23.39 4.90 4.36
CA ARG A 304 23.87 3.84 3.48
C ARG A 304 24.78 4.43 2.41
N ALA A 305 24.35 5.53 1.80
CA ALA A 305 25.15 6.17 0.77
C ALA A 305 26.48 6.66 1.32
N ALA A 306 26.46 7.15 2.56
CA ALA A 306 27.66 7.68 3.20
C ALA A 306 28.58 6.63 3.80
N LYS A 307 28.13 5.39 3.87
CA LYS A 307 28.92 4.32 4.45
C LYS A 307 29.10 4.44 5.96
N LEU A 308 28.15 5.08 6.63
CA LEU A 308 28.20 5.19 8.09
C LEU A 308 27.80 3.81 8.59
N GLN A 309 28.57 3.25 9.52
CA GLN A 309 28.29 1.92 10.03
C GLN A 309 27.33 1.80 11.21
N ASP A 310 26.36 0.90 11.06
CA ASP A 310 25.36 0.62 12.09
C ASP A 310 24.70 1.88 12.66
N CYS A 311 23.98 2.58 11.81
CA CYS A 311 23.29 3.80 12.20
C CYS A 311 21.95 3.55 12.88
N THR A 312 21.81 4.06 14.10
CA THR A 312 20.57 3.94 14.83
C THR A 312 20.00 5.35 14.85
N MET A 313 18.78 5.50 14.32
CA MET A 313 18.14 6.81 14.25
C MET A 313 17.16 7.00 15.40
N LEU A 314 16.91 8.27 15.73
CA LEU A 314 15.92 8.63 16.73
C LEU A 314 15.34 9.87 16.08
N VAL A 315 14.11 9.74 15.61
CA VAL A 315 13.46 10.83 14.89
C VAL A 315 12.18 11.37 15.54
N ASN A 316 12.09 12.69 15.60
CA ASN A 316 10.92 13.39 16.15
C ASN A 316 10.61 14.49 15.14
N GLY A 317 9.77 14.19 14.16
CA GLY A 317 9.45 15.19 13.15
C GLY A 317 10.71 15.50 12.35
N ASP A 318 11.07 16.77 12.29
CA ASP A 318 12.26 17.18 11.55
C ASP A 318 13.52 17.10 12.41
N ASP A 319 13.37 16.69 13.66
CA ASP A 319 14.51 16.59 14.57
C ASP A 319 15.13 15.20 14.43
N LEU A 320 16.43 15.17 14.17
CA LEU A 320 17.13 13.91 13.97
C LEU A 320 18.44 13.76 14.74
N VAL A 321 18.62 12.61 15.36
CA VAL A 321 19.85 12.30 16.07
C VAL A 321 20.27 10.92 15.57
N VAL A 322 21.57 10.76 15.29
CA VAL A 322 22.08 9.49 14.80
C VAL A 322 23.24 9.00 15.65
N ILE A 323 23.22 7.72 16.00
CA ILE A 323 24.30 7.13 16.78
C ILE A 323 24.80 5.94 15.97
N CYS A 324 26.10 5.93 15.66
CA CYS A 324 26.66 4.86 14.86
C CYS A 324 28.01 4.39 15.37
N GLU A 325 28.65 3.51 14.59
CA GLU A 325 29.97 2.99 14.94
C GLU A 325 31.04 3.89 14.33
N SER A 326 32.00 4.30 15.14
CA SER A 326 33.08 5.16 14.67
C SER A 326 34.12 4.36 13.89
N ALA A 327 34.72 4.98 12.89
CA ALA A 327 35.76 4.32 12.09
C ALA A 327 37.03 5.16 12.18
N GLY A 328 37.10 6.01 13.19
CA GLY A 328 38.25 6.87 13.37
C GLY A 328 37.81 8.32 13.22
N THR A 329 38.59 9.23 13.77
CA THR A 329 38.25 10.65 13.72
C THR A 329 38.16 11.22 12.30
N GLN A 330 39.20 11.00 11.50
CA GLN A 330 39.21 11.50 10.13
C GLN A 330 38.18 10.82 9.26
N GLU A 331 38.01 9.51 9.47
CA GLU A 331 37.05 8.74 8.69
C GLU A 331 35.62 9.16 8.99
N ASP A 332 35.32 9.41 10.27
CA ASP A 332 33.98 9.83 10.67
C ASP A 332 33.64 11.20 10.10
N ALA A 333 34.61 12.11 10.14
CA ALA A 333 34.39 13.46 9.63
C ALA A 333 34.07 13.44 8.14
N ALA A 334 34.78 12.60 7.39
CA ALA A 334 34.57 12.48 5.96
C ALA A 334 33.22 11.82 5.66
N ALA A 335 32.88 10.79 6.42
CA ALA A 335 31.62 10.09 6.21
C ALA A 335 30.42 10.98 6.52
N LEU A 336 30.56 11.81 7.56
CA LEU A 336 29.47 12.70 7.95
C LEU A 336 29.26 13.72 6.83
N ARG A 337 30.36 14.19 6.27
CA ARG A 337 30.31 15.14 5.16
C ARG A 337 29.56 14.50 3.99
N ALA A 338 29.83 13.21 3.75
CA ALA A 338 29.18 12.48 2.68
C ALA A 338 27.69 12.32 2.99
N PHE A 339 27.39 12.05 4.26
CA PHE A 339 26.00 11.90 4.71
C PHE A 339 25.24 13.17 4.35
N THR A 340 25.84 14.31 4.70
CA THR A 340 25.23 15.61 4.42
C THR A 340 24.96 15.87 2.94
N GLU A 341 25.90 15.49 2.07
CA GLU A 341 25.69 15.70 0.64
C GLU A 341 24.56 14.78 0.14
N ALA A 342 24.41 13.61 0.77
CA ALA A 342 23.34 12.70 0.37
C ALA A 342 22.00 13.31 0.78
N MET A 343 21.92 13.80 2.01
CA MET A 343 20.71 14.43 2.52
C MET A 343 20.36 15.64 1.62
N THR A 344 21.38 16.37 1.23
CA THR A 344 21.19 17.54 0.37
C THR A 344 20.57 17.12 -0.95
N ARG A 345 21.03 16.01 -1.52
CA ARG A 345 20.47 15.53 -2.77
C ARG A 345 19.01 15.12 -2.60
N TYR A 346 18.67 14.64 -1.40
CA TYR A 346 17.29 14.22 -1.09
C TYR A 346 16.39 15.40 -0.73
N SER A 347 16.93 16.61 -0.83
CA SER A 347 16.23 17.84 -0.49
C SER A 347 16.02 17.91 1.03
N ALA A 348 17.13 17.77 1.74
CA ALA A 348 17.16 17.87 3.20
C ALA A 348 18.52 18.51 3.50
N PRO A 349 18.78 19.69 2.91
CA PRO A 349 20.04 20.42 3.11
C PRO A 349 20.21 20.85 4.57
N PRO A 350 21.46 20.93 5.04
CA PRO A 350 21.76 21.31 6.42
C PRO A 350 21.68 22.80 6.77
N GLY A 351 21.23 23.08 7.99
CA GLY A 351 21.16 24.45 8.46
C GLY A 351 22.56 24.73 8.97
N ASP A 352 22.95 23.98 10.00
CA ASP A 352 24.29 24.09 10.58
C ASP A 352 24.94 22.77 10.20
N PRO A 353 26.14 22.80 9.59
CA PRO A 353 26.76 21.52 9.23
C PRO A 353 26.83 20.64 10.49
N PRO A 354 26.50 19.36 10.35
CA PRO A 354 26.55 18.50 11.54
C PRO A 354 28.00 18.29 12.00
N GLN A 355 28.15 17.89 13.25
CA GLN A 355 29.48 17.64 13.80
C GLN A 355 29.49 16.33 14.56
N PRO A 356 30.51 15.50 14.33
CA PRO A 356 30.60 14.22 15.04
C PRO A 356 30.87 14.45 16.52
N GLU A 357 30.24 13.68 17.38
CA GLU A 357 30.43 13.80 18.82
C GLU A 357 30.79 12.44 19.40
N TYR A 358 31.70 12.45 20.37
CA TYR A 358 32.13 11.20 21.00
C TYR A 358 31.78 11.17 22.48
N ASP A 359 30.93 12.12 22.88
CA ASP A 359 30.44 12.27 24.25
C ASP A 359 28.93 12.42 24.10
N LEU A 360 28.18 11.39 24.51
CA LEU A 360 26.71 11.41 24.40
C LEU A 360 26.09 12.68 24.94
N GLU A 361 26.62 13.17 26.06
CA GLU A 361 26.08 14.36 26.69
C GLU A 361 26.26 15.64 25.87
N LEU A 362 27.16 15.61 24.90
CA LEU A 362 27.43 16.77 24.06
C LEU A 362 26.49 16.84 22.86
N ILE A 363 25.63 15.85 22.72
CA ILE A 363 24.69 15.83 21.61
C ILE A 363 23.37 16.48 22.01
N THR A 364 22.96 17.49 21.25
CA THR A 364 21.69 18.16 21.52
C THR A 364 20.69 17.71 20.47
N SER A 365 19.62 17.06 20.91
CA SER A 365 18.57 16.58 20.02
C SER A 365 17.24 16.90 20.68
N CYS A 366 16.29 17.39 19.88
CA CYS A 366 14.99 17.79 20.41
C CYS A 366 15.25 18.87 21.44
N SER A 367 16.23 19.72 21.14
CA SER A 367 16.61 20.83 21.99
C SER A 367 17.03 20.37 23.39
N SER A 368 17.38 19.10 23.52
CA SER A 368 17.78 18.54 24.79
C SER A 368 19.05 17.72 24.71
N ASN A 369 19.63 17.44 25.87
CA ASN A 369 20.82 16.62 25.94
C ASN A 369 20.72 15.76 27.19
N VAL A 370 21.41 14.64 27.17
CA VAL A 370 21.44 13.73 28.31
C VAL A 370 22.48 14.28 29.28
N SER A 371 22.19 14.17 30.56
CA SER A 371 23.14 14.61 31.58
C SER A 371 23.02 13.64 32.74
N VAL A 372 23.90 13.77 33.72
CA VAL A 372 23.86 12.84 34.85
C VAL A 372 23.83 13.51 36.22
N ALA A 373 23.14 12.87 37.15
CA ALA A 373 23.04 13.34 38.52
C ALA A 373 23.02 12.09 39.40
N HIS A 374 22.81 12.27 40.71
CA HIS A 374 22.80 11.15 41.63
C HIS A 374 21.53 11.11 42.47
N ASP A 375 21.02 9.92 42.75
CA ASP A 375 19.81 9.79 43.56
C ASP A 375 20.20 9.74 45.03
N ALA A 376 19.20 9.60 45.90
CA ALA A 376 19.42 9.56 47.34
C ALA A 376 20.48 8.53 47.76
N SER A 377 20.55 7.43 47.02
CA SER A 377 21.51 6.36 47.30
C SER A 377 22.90 6.69 46.78
N GLY A 378 23.00 7.80 46.05
CA GLY A 378 24.29 8.20 45.50
C GLY A 378 24.54 7.55 44.15
N LYS A 379 23.58 6.80 43.66
CA LYS A 379 23.71 6.12 42.38
C LYS A 379 23.51 7.09 41.22
N ARG A 380 24.29 6.92 40.16
CA ARG A 380 24.19 7.76 38.98
C ARG A 380 22.87 7.56 38.28
N VAL A 381 22.31 8.64 37.75
CA VAL A 381 21.04 8.57 37.06
C VAL A 381 21.01 9.57 35.92
N TYR A 382 20.78 9.06 34.71
CA TYR A 382 20.72 9.88 33.52
C TYR A 382 19.34 10.51 33.41
N TYR A 383 19.29 11.74 32.92
CA TYR A 383 18.02 12.43 32.75
C TYR A 383 18.16 13.39 31.60
N LEU A 384 17.03 13.92 31.13
CA LEU A 384 17.01 14.85 30.01
C LEU A 384 16.95 16.29 30.49
N THR A 385 17.81 17.14 29.94
CA THR A 385 17.82 18.56 30.31
C THR A 385 18.02 19.37 29.04
N ARG A 386 18.14 20.69 29.20
CA ARG A 386 18.33 21.59 28.07
C ARG A 386 18.72 22.96 28.60
N ASP A 387 19.17 23.83 27.70
CA ASP A 387 19.52 25.19 28.07
C ASP A 387 18.19 25.78 28.54
N PRO A 388 18.17 26.37 29.73
CA PRO A 388 16.94 26.96 30.30
C PRO A 388 16.56 28.34 29.81
N THR A 389 17.33 28.91 28.89
CA THR A 389 17.05 30.26 28.41
C THR A 389 15.63 30.50 27.90
N THR A 390 15.20 29.69 26.92
CA THR A 390 13.88 29.86 26.35
C THR A 390 12.78 29.54 27.37
N PRO A 391 12.92 28.42 28.09
CA PRO A 391 11.89 28.09 29.09
C PRO A 391 11.68 29.22 30.09
N LEU A 392 12.77 29.84 30.53
CA LEU A 392 12.69 30.93 31.51
C LEU A 392 12.10 32.20 30.90
N ALA A 393 12.49 32.52 29.67
CA ALA A 393 11.96 33.69 29.00
C ALA A 393 10.45 33.56 28.85
N ARG A 394 9.99 32.37 28.45
CA ARG A 394 8.56 32.12 28.27
C ARG A 394 7.80 32.09 29.59
N ALA A 395 8.44 31.57 30.63
CA ALA A 395 7.80 31.50 31.95
C ALA A 395 7.52 32.93 32.44
N ALA A 396 8.47 33.83 32.18
CA ALA A 396 8.32 35.22 32.59
C ALA A 396 7.16 35.85 31.82
N TRP A 397 7.12 35.60 30.51
CA TRP A 397 6.07 36.13 29.67
C TRP A 397 4.72 35.64 30.14
N GLU A 398 4.64 34.33 30.38
CA GLU A 398 3.41 33.71 30.84
C GLU A 398 3.01 34.17 32.22
N THR A 399 3.96 34.75 32.96
CA THR A 399 3.69 35.26 34.30
C THR A 399 3.06 36.65 34.19
N ALA A 400 3.57 37.46 33.26
CA ALA A 400 3.08 38.82 33.06
C ALA A 400 1.85 38.92 32.17
N ARG A 401 1.68 37.97 31.26
CA ARG A 401 0.53 37.96 30.37
C ARG A 401 -0.18 36.62 30.40
N HIS A 402 -1.49 36.63 30.56
CA HIS A 402 -2.23 35.37 30.57
C HIS A 402 -2.21 34.81 29.16
N THR A 403 -1.69 33.59 29.02
CA THR A 403 -1.62 32.94 27.72
C THR A 403 -2.45 31.67 27.72
N PRO A 404 -2.95 31.27 26.54
CA PRO A 404 -3.77 30.06 26.39
C PRO A 404 -2.98 28.82 26.82
N ILE A 405 -1.78 28.70 26.28
CA ILE A 405 -0.90 27.58 26.59
C ILE A 405 0.12 27.98 27.65
N ASN A 406 0.33 27.09 28.61
CA ASN A 406 1.27 27.32 29.70
C ASN A 406 2.51 26.45 29.50
N SER A 407 3.47 26.97 28.75
CA SER A 407 4.70 26.21 28.48
C SER A 407 5.45 25.88 29.76
N TRP A 408 5.29 26.71 30.79
CA TRP A 408 5.99 26.44 32.04
C TRP A 408 5.52 25.14 32.68
N LEU A 409 4.22 24.85 32.56
CA LEU A 409 3.67 23.64 33.13
C LEU A 409 4.18 22.43 32.34
N GLY A 410 4.25 22.56 31.02
CA GLY A 410 4.76 21.48 30.21
C GLY A 410 6.24 21.26 30.47
N ASN A 411 6.96 22.34 30.72
CA ASN A 411 8.39 22.23 31.00
C ASN A 411 8.64 21.58 32.35
N ILE A 412 7.81 21.89 33.34
CA ILE A 412 7.97 21.27 34.65
C ILE A 412 7.74 19.76 34.54
N ILE A 413 6.75 19.38 33.75
CA ILE A 413 6.43 17.97 33.56
C ILE A 413 7.52 17.23 32.78
N MET A 414 7.97 17.81 31.68
CA MET A 414 8.99 17.19 30.84
C MET A 414 10.40 17.26 31.39
N TYR A 415 10.70 18.29 32.17
CA TYR A 415 12.05 18.46 32.73
C TYR A 415 12.06 18.48 34.25
N ALA A 416 11.11 17.76 34.84
CA ALA A 416 10.97 17.67 36.29
C ALA A 416 12.25 17.36 37.08
N PRO A 417 13.12 16.49 36.54
CA PRO A 417 14.36 16.14 37.23
C PRO A 417 15.48 17.18 37.18
N THR A 418 15.34 18.16 36.29
CA THR A 418 16.40 19.17 36.13
C THR A 418 16.57 20.14 37.29
N LEU A 419 17.79 20.64 37.42
CA LEU A 419 18.12 21.60 38.46
C LEU A 419 17.28 22.86 38.35
N TRP A 420 17.18 23.38 37.12
CA TRP A 420 16.42 24.61 36.88
C TRP A 420 14.90 24.50 37.01
N ALA A 421 14.30 23.41 36.54
CA ALA A 421 12.86 23.26 36.64
C ALA A 421 12.46 23.11 38.11
N ARG A 422 13.31 22.44 38.89
CA ARG A 422 13.01 22.21 40.30
C ARG A 422 13.20 23.47 41.16
N MET A 423 14.37 24.09 41.06
CA MET A 423 14.63 25.28 41.87
C MET A 423 13.95 26.56 41.41
N ILE A 424 13.74 26.70 40.11
CA ILE A 424 13.13 27.93 39.59
C ILE A 424 11.66 27.82 39.19
N LEU A 425 11.36 27.01 38.17
CA LEU A 425 9.97 26.90 37.72
C LEU A 425 9.00 26.46 38.83
N MET A 426 9.31 25.38 39.54
CA MET A 426 8.42 24.92 40.59
C MET A 426 8.22 25.98 41.67
N THR A 427 9.34 26.51 42.17
CA THR A 427 9.31 27.54 43.21
C THR A 427 8.47 28.75 42.80
N HIS A 428 8.80 29.30 41.63
CA HIS A 428 8.10 30.48 41.10
C HIS A 428 6.60 30.31 40.92
N PHE A 429 6.19 29.29 40.20
CA PHE A 429 4.77 29.12 39.94
C PHE A 429 3.95 28.64 41.13
N PHE A 430 4.52 27.81 41.99
CA PHE A 430 3.76 27.38 43.15
C PHE A 430 3.59 28.54 44.13
N SER A 431 4.55 29.46 44.17
CA SER A 431 4.42 30.59 45.07
C SER A 431 3.29 31.47 44.56
N ILE A 432 3.22 31.63 43.24
CA ILE A 432 2.16 32.45 42.65
C ILE A 432 0.80 31.79 42.78
N LEU A 433 0.76 30.47 42.61
CA LEU A 433 -0.50 29.72 42.73
C LEU A 433 -1.01 29.80 44.17
N LEU A 434 -0.08 29.85 45.12
CA LEU A 434 -0.44 29.94 46.52
C LEU A 434 -1.05 31.31 46.79
N ALA A 435 -0.34 32.35 46.36
CA ALA A 435 -0.78 33.72 46.55
C ALA A 435 -2.14 34.03 45.91
N GLN A 436 -2.40 33.45 44.74
CA GLN A 436 -3.66 33.69 44.06
C GLN A 436 -4.69 32.61 44.39
N GLU A 437 -4.29 31.68 45.26
CA GLU A 437 -5.17 30.58 45.66
C GLU A 437 -5.77 29.88 44.46
N GLN A 438 -4.92 29.49 43.50
CA GLN A 438 -5.38 28.81 42.30
C GLN A 438 -4.68 27.47 42.09
N LEU A 439 -4.27 26.84 43.18
CA LEU A 439 -3.61 25.54 43.09
C LEU A 439 -4.54 24.50 42.49
N GLU A 440 -5.84 24.68 42.71
CA GLU A 440 -6.88 23.77 42.25
C GLU A 440 -7.28 23.99 40.78
N LYS A 441 -6.89 25.13 40.22
CA LYS A 441 -7.26 25.46 38.84
C LYS A 441 -6.48 24.72 37.77
N ALA A 442 -7.19 23.92 36.97
CA ALA A 442 -6.58 23.16 35.88
C ALA A 442 -6.12 24.11 34.78
N LEU A 443 -4.94 23.82 34.22
CA LEU A 443 -4.38 24.65 33.15
C LEU A 443 -4.04 23.83 31.93
N ASP A 444 -4.03 24.46 30.76
CA ASP A 444 -3.68 23.76 29.52
C ASP A 444 -2.19 23.89 29.22
N CYS A 445 -1.63 22.82 28.69
CA CYS A 445 -0.22 22.81 28.31
C CYS A 445 -0.09 21.79 27.18
N GLN A 446 1.06 21.79 26.51
CA GLN A 446 1.27 20.87 25.40
C GLN A 446 2.37 19.86 25.66
N ILE A 447 2.13 18.64 25.19
CA ILE A 447 3.10 17.56 25.31
C ILE A 447 3.14 16.93 23.92
N TYR A 448 4.29 17.04 23.24
CA TYR A 448 4.43 16.49 21.90
C TYR A 448 3.35 17.03 20.96
N GLY A 449 3.02 18.32 21.13
CA GLY A 449 2.03 18.95 20.27
C GLY A 449 0.58 18.84 20.67
N ALA A 450 0.24 17.85 21.49
CA ALA A 450 -1.13 17.65 21.93
C ALA A 450 -1.45 18.51 23.15
N CYS A 451 -2.66 19.03 23.20
CA CYS A 451 -3.09 19.88 24.31
C CYS A 451 -3.65 19.03 25.45
N TYR A 452 -3.17 19.29 26.66
CA TYR A 452 -3.61 18.57 27.86
C TYR A 452 -4.09 19.54 28.95
N SER A 453 -5.13 19.13 29.66
CA SER A 453 -5.66 19.92 30.77
C SER A 453 -5.07 19.27 32.02
N ILE A 454 -4.30 20.03 32.78
CA ILE A 454 -3.65 19.47 33.95
C ILE A 454 -3.77 20.31 35.22
N GLU A 455 -3.99 19.63 36.34
CA GLU A 455 -4.11 20.28 37.63
C GLU A 455 -2.74 20.31 38.29
N PRO A 456 -2.26 21.51 38.63
CA PRO A 456 -0.94 21.66 39.28
C PRO A 456 -0.76 20.74 40.48
N LEU A 457 -1.84 20.50 41.22
CA LEU A 457 -1.79 19.65 42.39
C LEU A 457 -1.49 18.18 42.09
N ASP A 458 -1.65 17.78 40.83
CA ASP A 458 -1.38 16.40 40.43
C ASP A 458 0.06 16.21 39.96
N LEU A 459 0.83 17.27 39.96
CA LEU A 459 2.22 17.18 39.52
C LEU A 459 3.06 16.09 40.19
N PRO A 460 2.94 15.93 41.51
CA PRO A 460 3.74 14.89 42.18
C PRO A 460 3.52 13.50 41.58
N GLN A 461 2.25 13.12 41.42
CA GLN A 461 1.90 11.82 40.87
C GLN A 461 2.36 11.71 39.42
N ILE A 462 2.10 12.75 38.64
CA ILE A 462 2.48 12.77 37.24
C ILE A 462 3.98 12.57 37.11
N ILE A 463 4.74 13.34 37.88
CA ILE A 463 6.19 13.25 37.83
C ILE A 463 6.68 11.86 38.26
N GLU A 464 6.12 11.33 39.34
CA GLU A 464 6.54 10.01 39.80
C GLU A 464 6.32 8.96 38.71
N ARG A 465 5.16 9.01 38.06
CA ARG A 465 4.84 8.05 37.00
C ARG A 465 5.78 8.16 35.80
N LEU A 466 6.10 9.38 35.40
CA LEU A 466 6.98 9.60 34.25
C LEU A 466 8.48 9.48 34.49
N HIS A 467 8.95 10.06 35.60
CA HIS A 467 10.38 10.07 35.90
C HIS A 467 10.82 9.16 37.05
N GLY A 468 9.89 8.72 37.89
CA GLY A 468 10.26 7.89 39.02
C GLY A 468 10.51 8.77 40.24
N LEU A 469 10.61 8.17 41.41
CA LEU A 469 10.85 8.92 42.64
C LEU A 469 12.18 9.66 42.68
N SER A 470 13.14 9.23 41.86
CA SER A 470 14.46 9.87 41.86
C SER A 470 14.38 11.32 41.39
N ALA A 471 13.30 11.68 40.73
CA ALA A 471 13.13 13.04 40.25
C ALA A 471 13.04 14.01 41.42
N PHE A 472 12.66 13.50 42.58
CA PHE A 472 12.51 14.32 43.78
C PHE A 472 13.72 14.23 44.71
N THR A 473 14.76 13.52 44.29
CA THR A 473 15.94 13.37 45.14
C THR A 473 17.28 13.61 44.44
N LEU A 474 17.25 13.92 43.14
CA LEU A 474 18.50 14.14 42.42
C LEU A 474 19.32 15.24 43.08
N HIS A 475 20.63 15.03 43.11
CA HIS A 475 21.56 15.98 43.69
C HIS A 475 22.91 15.75 43.02
N SER A 476 23.88 16.63 43.30
CA SER A 476 25.20 16.51 42.71
C SER A 476 25.09 16.46 41.18
N TYR A 477 24.57 17.53 40.58
CA TYR A 477 24.45 17.62 39.15
C TYR A 477 25.84 17.84 38.57
N SER A 478 26.00 17.67 37.26
CA SER A 478 27.31 17.84 36.64
C SER A 478 27.78 19.29 36.61
N PRO A 479 29.10 19.49 36.57
CA PRO A 479 29.72 20.82 36.54
C PRO A 479 29.22 21.62 35.34
N GLY A 480 29.15 20.96 34.19
CA GLY A 480 28.70 21.62 32.98
C GLY A 480 27.26 22.10 33.10
N GLU A 481 26.39 21.25 33.62
CA GLU A 481 24.98 21.59 33.79
C GLU A 481 24.82 22.77 34.73
N ILE A 482 25.45 22.69 35.90
CA ILE A 482 25.37 23.77 36.87
C ILE A 482 25.87 25.09 36.26
N ASN A 483 27.02 25.04 35.58
CA ASN A 483 27.57 26.23 34.96
C ASN A 483 26.63 26.81 33.92
N ARG A 484 26.02 25.95 33.11
CA ARG A 484 25.09 26.44 32.09
C ARG A 484 23.90 27.14 32.73
N VAL A 485 23.33 26.53 33.76
CA VAL A 485 22.19 27.14 34.44
C VAL A 485 22.59 28.49 35.03
N ALA A 486 23.65 28.49 35.84
CA ALA A 486 24.12 29.70 36.49
C ALA A 486 24.43 30.84 35.51
N SER A 487 25.12 30.55 34.41
CA SER A 487 25.43 31.60 33.45
C SER A 487 24.15 32.11 32.79
N CYS A 488 23.19 31.22 32.55
CA CYS A 488 21.93 31.64 31.96
C CYS A 488 21.21 32.63 32.86
N LEU A 489 21.19 32.36 34.17
CA LEU A 489 20.52 33.26 35.10
C LEU A 489 21.19 34.63 35.12
N ARG A 490 22.52 34.67 35.07
CA ARG A 490 23.21 35.95 35.07
C ARG A 490 22.86 36.73 33.80
N LYS A 491 22.81 36.05 32.67
CA LYS A 491 22.47 36.69 31.41
C LYS A 491 21.06 37.30 31.42
N LEU A 492 20.09 36.54 31.92
CA LEU A 492 18.70 36.99 31.95
C LEU A 492 18.32 37.88 33.12
N GLY A 493 19.17 37.98 34.12
CA GLY A 493 18.84 38.79 35.28
C GLY A 493 17.91 38.01 36.21
N VAL A 494 18.07 36.69 36.22
CA VAL A 494 17.27 35.84 37.10
C VAL A 494 18.08 35.69 38.39
N PRO A 495 17.43 35.85 39.56
CA PRO A 495 18.14 35.72 40.83
C PRO A 495 18.92 34.41 40.89
N PRO A 496 20.09 34.40 41.55
CA PRO A 496 20.92 33.21 41.66
C PRO A 496 20.20 32.08 42.40
N LEU A 497 20.64 30.85 42.17
CA LEU A 497 20.01 29.69 42.79
C LEU A 497 19.88 29.77 44.30
N ARG A 498 20.85 30.38 44.97
CA ARG A 498 20.78 30.50 46.43
C ARG A 498 19.50 31.21 46.83
N THR A 499 19.09 32.19 46.05
CA THR A 499 17.86 32.94 46.33
C THR A 499 16.62 32.05 46.15
N TRP A 500 16.64 31.25 45.10
CA TRP A 500 15.51 30.35 44.84
C TRP A 500 15.34 29.34 45.97
N ARG A 501 16.46 28.92 46.57
CA ARG A 501 16.38 27.97 47.67
C ARG A 501 15.66 28.63 48.84
N HIS A 502 16.03 29.88 49.12
CA HIS A 502 15.42 30.61 50.22
C HIS A 502 13.94 30.76 49.96
N ARG A 503 13.57 31.14 48.74
CA ARG A 503 12.17 31.31 48.39
C ARG A 503 11.40 29.99 48.51
N ALA A 504 12.05 28.89 48.13
CA ALA A 504 11.42 27.57 48.18
C ALA A 504 11.13 27.09 49.60
N ARG A 505 11.96 27.47 50.56
CA ARG A 505 11.73 27.05 51.93
C ARG A 505 10.36 27.56 52.39
N SER A 506 10.04 28.79 52.02
CA SER A 506 8.77 29.40 52.39
C SER A 506 7.60 28.80 51.62
N VAL A 507 7.81 28.51 50.34
CA VAL A 507 6.77 27.92 49.51
C VAL A 507 6.41 26.54 50.08
N ARG A 508 7.44 25.77 50.40
CA ARG A 508 7.25 24.42 50.94
C ARG A 508 6.46 24.47 52.25
N ALA A 509 6.83 25.40 53.13
CA ALA A 509 6.14 25.54 54.41
C ALA A 509 4.67 25.83 54.22
N LYS A 510 4.35 26.78 53.35
CA LYS A 510 2.96 27.15 53.07
C LYS A 510 2.18 25.95 52.53
N LEU A 511 2.82 25.18 51.63
CA LEU A 511 2.17 24.02 51.05
C LEU A 511 1.84 22.98 52.12
N LEU A 512 2.80 22.69 52.99
CA LEU A 512 2.60 21.72 54.05
C LEU A 512 1.47 22.14 54.99
N SER A 513 1.40 23.43 55.29
CA SER A 513 0.39 23.97 56.19
C SER A 513 -1.04 23.85 55.66
N GLN A 514 -1.19 23.62 54.36
CA GLN A 514 -2.53 23.48 53.78
C GLN A 514 -2.99 22.05 53.74
N GLY A 515 -2.08 21.12 54.00
CA GLY A 515 -2.43 19.71 53.99
C GLY A 515 -2.95 19.22 52.65
N GLY A 516 -3.43 17.99 52.62
CA GLY A 516 -3.97 17.42 51.40
C GLY A 516 -2.96 17.34 50.26
N ARG A 517 -3.45 17.42 49.03
CA ARG A 517 -2.58 17.36 47.87
C ARG A 517 -1.55 18.47 47.90
N ALA A 518 -1.94 19.62 48.44
CA ALA A 518 -1.02 20.75 48.53
C ALA A 518 0.21 20.36 49.36
N ALA A 519 -0.02 19.67 50.47
CA ALA A 519 1.06 19.22 51.33
C ALA A 519 1.93 18.19 50.62
N THR A 520 1.31 17.34 49.82
CA THR A 520 2.04 16.32 49.08
C THR A 520 2.99 17.00 48.09
N CYS A 521 2.56 18.14 47.56
CA CYS A 521 3.41 18.89 46.64
C CYS A 521 4.60 19.40 47.42
N GLY A 522 4.33 19.93 48.61
CA GLY A 522 5.40 20.44 49.45
C GLY A 522 6.42 19.38 49.78
N ARG A 523 5.93 18.21 50.19
CA ARG A 523 6.81 17.11 50.56
C ARG A 523 7.66 16.54 49.43
N TYR A 524 7.06 16.29 48.27
CA TYR A 524 7.79 15.72 47.15
C TYR A 524 8.52 16.71 46.25
N LEU A 525 7.80 17.71 45.75
CA LEU A 525 8.39 18.70 44.86
C LEU A 525 9.49 19.54 45.50
N PHE A 526 9.40 19.79 46.79
CA PHE A 526 10.40 20.62 47.45
C PHE A 526 11.23 19.96 48.55
N ASN A 527 11.44 18.65 48.43
CA ASN A 527 12.24 17.93 49.43
C ASN A 527 13.69 18.39 49.30
N TRP A 528 14.04 18.91 48.13
CA TRP A 528 15.40 19.41 47.91
C TRP A 528 15.66 20.66 48.76
N ALA A 529 14.59 21.37 49.08
CA ALA A 529 14.66 22.62 49.84
C ALA A 529 14.82 22.51 51.36
N VAL A 530 14.77 21.31 51.91
CA VAL A 530 14.95 21.15 53.36
C VAL A 530 16.18 20.33 53.68
N ARG A 531 16.90 20.71 54.75
CA ARG A 531 18.12 20.02 55.17
C ARG A 531 17.87 18.56 55.52
N THR A 532 16.99 18.35 56.49
CA THR A 532 16.64 17.00 56.92
C THR A 532 15.62 16.46 55.93
N LYS A 533 16.11 15.66 54.99
CA LYS A 533 15.29 15.08 53.94
C LYS A 533 14.24 14.11 54.47
N LEU A 534 13.05 14.16 53.88
CA LEU A 534 11.99 13.26 54.25
C LEU A 534 12.11 12.02 53.38
N LYS A 535 11.71 10.87 53.90
CA LYS A 535 11.78 9.63 53.14
C LYS A 535 10.59 9.61 52.20
N LEU A 536 10.85 9.69 50.90
CA LEU A 536 9.78 9.71 49.92
C LEU A 536 9.40 8.32 49.41
N THR A 537 8.19 7.90 49.76
CA THR A 537 7.66 6.61 49.34
C THR A 537 6.68 6.82 48.19
N PRO A 538 6.40 5.77 47.42
CA PRO A 538 5.46 5.87 46.30
C PRO A 538 4.13 6.50 46.68
N ILE A 539 3.61 7.35 45.80
CA ILE A 539 2.33 8.02 46.05
C ILE A 539 1.22 7.10 45.55
N PRO A 540 0.27 6.76 46.43
CA PRO A 540 -0.87 5.89 46.12
C PRO A 540 -1.61 6.25 44.83
N ALA A 541 -2.14 7.46 44.78
CA ALA A 541 -2.89 7.92 43.62
C ALA A 541 -2.08 7.98 42.32
N ALA A 542 -0.77 7.78 42.44
CA ALA A 542 0.11 7.83 41.27
C ALA A 542 -0.07 6.61 40.38
N SER A 543 -0.28 5.45 40.99
CA SER A 543 -0.46 4.20 40.24
C SER A 543 -1.89 4.05 39.73
N GLN A 544 -2.68 5.10 39.85
CA GLN A 544 -4.07 5.06 39.41
C GLN A 544 -4.33 6.04 38.26
N LEU A 545 -3.35 6.91 38.00
CA LEU A 545 -3.49 7.89 36.93
C LEU A 545 -3.46 7.23 35.56
N ASP A 546 -4.30 7.74 34.66
CA ASP A 546 -4.37 7.20 33.31
C ASP A 546 -3.51 8.01 32.34
N LEU A 547 -2.26 7.59 32.21
CA LEU A 547 -1.32 8.29 31.33
C LEU A 547 -1.25 7.59 29.97
N SER A 548 -2.29 6.83 29.66
CA SER A 548 -2.34 6.12 28.38
C SER A 548 -2.53 7.16 27.28
N GLY A 549 -1.72 7.07 26.23
CA GLY A 549 -1.83 8.01 25.14
C GLY A 549 -0.97 9.25 25.31
N TRP A 550 -0.30 9.37 26.46
CA TRP A 550 0.55 10.54 26.72
C TRP A 550 1.80 10.60 25.84
N PHE A 551 2.45 9.47 25.66
CA PHE A 551 3.66 9.41 24.85
C PHE A 551 3.52 8.30 23.82
N VAL A 552 2.62 8.51 22.87
CA VAL A 552 2.38 7.54 21.83
C VAL A 552 2.80 8.12 20.47
N ALA A 553 2.38 9.35 20.20
CA ALA A 553 2.70 9.99 18.93
C ALA A 553 2.82 11.51 19.04
N GLY A 554 3.40 12.11 18.02
CA GLY A 554 3.55 13.56 17.98
C GLY A 554 2.40 14.16 17.19
N TYR A 555 1.95 15.35 17.58
CA TYR A 555 0.83 16.02 16.91
C TYR A 555 1.06 17.51 16.73
N SER A 556 2.30 17.97 16.80
CA SER A 556 2.57 19.38 16.63
C SER A 556 1.87 19.92 15.37
N GLY A 557 1.01 20.92 15.57
CA GLY A 557 0.27 21.51 14.47
C GLY A 557 -0.94 20.71 14.05
N GLY A 558 -1.17 19.57 14.72
CA GLY A 558 -2.28 18.71 14.38
C GLY A 558 -3.64 19.06 14.95
N ASP A 559 -3.71 20.11 15.77
CA ASP A 559 -4.98 20.54 16.35
C ASP A 559 -5.59 19.39 17.18
N ILE A 560 -4.78 18.83 18.09
CA ILE A 560 -5.23 17.70 18.92
C ILE A 560 -5.36 18.03 20.42
N TYR A 561 -6.50 17.65 20.99
CA TYR A 561 -6.78 17.87 22.40
C TYR A 561 -7.06 16.53 23.06
N HIS A 562 -6.39 16.24 24.17
CA HIS A 562 -6.62 14.97 24.84
C HIS A 562 -7.33 15.11 26.19
N SER A 563 -8.39 14.34 26.35
CA SER A 563 -9.17 14.35 27.58
C SER A 563 -9.40 12.91 28.07
N SER B 1 -24.45 -10.28 0.15
CA SER B 1 -25.38 -9.70 -0.85
C SER B 1 -25.62 -10.67 -2.00
N MET B 2 -26.62 -10.36 -2.83
CA MET B 2 -26.96 -11.20 -3.97
C MET B 2 -25.95 -10.95 -5.09
N SER B 3 -25.38 -12.02 -5.62
CA SER B 3 -24.41 -11.90 -6.72
C SER B 3 -25.02 -11.12 -7.88
N TYR B 4 -26.31 -11.35 -8.14
CA TYR B 4 -27.02 -10.66 -9.21
C TYR B 4 -28.48 -10.41 -8.84
N THR B 5 -29.04 -9.35 -9.41
CA THR B 5 -30.45 -9.02 -9.24
C THR B 5 -30.92 -8.89 -10.70
N TRP B 6 -32.08 -9.45 -11.02
CA TRP B 6 -32.58 -9.40 -12.39
C TRP B 6 -33.91 -8.65 -12.49
N THR B 7 -34.05 -7.86 -13.55
CA THR B 7 -35.24 -7.06 -13.80
C THR B 7 -36.30 -7.84 -14.59
N GLY B 8 -35.85 -8.74 -15.44
CA GLY B 8 -36.77 -9.50 -16.26
C GLY B 8 -36.41 -9.34 -17.73
N ALA B 9 -35.69 -8.28 -18.06
CA ALA B 9 -35.26 -8.07 -19.45
C ALA B 9 -34.37 -9.24 -19.80
N LEU B 10 -34.51 -9.77 -21.02
CA LEU B 10 -33.72 -10.92 -21.44
C LEU B 10 -32.29 -10.64 -21.85
N ILE B 11 -31.43 -11.65 -21.70
CA ILE B 11 -30.05 -11.53 -22.13
C ILE B 11 -30.20 -11.89 -23.59
N THR B 12 -30.00 -10.91 -24.46
CA THR B 12 -30.19 -11.10 -25.90
C THR B 12 -28.92 -11.19 -26.75
N PRO B 13 -29.02 -11.89 -27.88
CA PRO B 13 -27.88 -12.05 -28.80
C PRO B 13 -27.81 -10.81 -29.68
N CYS B 14 -26.64 -10.50 -30.22
CA CYS B 14 -26.49 -9.33 -31.08
C CYS B 14 -26.54 -9.71 -32.55
N ALA B 15 -26.71 -11.00 -32.81
CA ALA B 15 -26.78 -11.51 -34.18
C ALA B 15 -27.18 -12.97 -34.14
N ALA B 16 -27.47 -13.55 -35.31
CA ALA B 16 -27.85 -14.96 -35.40
C ALA B 16 -26.82 -15.81 -34.65
N GLU B 17 -27.30 -16.83 -33.95
CA GLU B 17 -26.42 -17.71 -33.19
C GLU B 17 -26.42 -19.14 -33.71
N GLU B 18 -25.25 -19.67 -34.01
CA GLU B 18 -25.11 -21.04 -34.50
C GLU B 18 -24.95 -21.96 -33.30
N SER B 19 -25.71 -23.04 -33.28
CA SER B 19 -25.66 -23.98 -32.16
C SER B 19 -25.17 -25.37 -32.57
N LYS B 20 -25.16 -25.65 -33.87
CA LYS B 20 -24.72 -26.95 -34.35
C LYS B 20 -23.81 -26.85 -35.56
N LEU B 21 -23.11 -27.94 -35.85
CA LEU B 21 -22.22 -27.99 -36.99
C LEU B 21 -23.06 -27.84 -38.26
N PRO B 22 -22.52 -27.17 -39.28
CA PRO B 22 -23.21 -26.95 -40.55
C PRO B 22 -23.71 -28.25 -41.17
N ILE B 23 -24.84 -28.17 -41.87
CA ILE B 23 -25.41 -29.33 -42.54
C ILE B 23 -24.68 -29.49 -43.87
N ASN B 24 -23.37 -29.64 -43.78
CA ASN B 24 -22.53 -29.79 -44.98
C ASN B 24 -21.35 -30.74 -44.70
N PRO B 25 -20.48 -30.99 -45.71
CA PRO B 25 -19.31 -31.88 -45.57
C PRO B 25 -18.22 -31.38 -44.61
N LEU B 26 -17.62 -30.23 -44.92
CA LEU B 26 -16.57 -29.63 -44.10
C LEU B 26 -16.56 -30.10 -42.64
N SER B 27 -15.50 -30.82 -42.27
CA SER B 27 -15.30 -31.34 -40.93
C SER B 27 -15.63 -32.82 -40.76
N ASN B 28 -16.44 -33.40 -41.65
CA ASN B 28 -16.77 -34.83 -41.53
C ASN B 28 -15.44 -35.58 -41.63
N SER B 29 -14.43 -34.89 -42.15
CA SER B 29 -13.09 -35.45 -42.28
C SER B 29 -12.49 -35.70 -40.91
N LEU B 30 -12.77 -34.79 -39.99
CA LEU B 30 -12.28 -34.89 -38.63
C LEU B 30 -13.14 -35.84 -37.82
N LEU B 31 -14.44 -35.57 -37.73
CA LEU B 31 -15.35 -36.44 -36.99
C LEU B 31 -16.69 -36.63 -37.68
N ARG B 32 -17.23 -37.84 -37.58
CA ARG B 32 -18.50 -38.18 -38.22
C ARG B 32 -19.74 -37.91 -37.38
N HIS B 33 -19.65 -38.12 -36.08
CA HIS B 33 -20.80 -37.90 -35.20
C HIS B 33 -20.98 -36.42 -34.87
N HIS B 34 -21.33 -35.65 -35.90
CA HIS B 34 -21.53 -34.21 -35.76
C HIS B 34 -22.57 -33.79 -34.71
N ASN B 35 -23.52 -34.67 -34.42
CA ASN B 35 -24.54 -34.37 -33.44
C ASN B 35 -24.02 -34.35 -32.01
N MET B 36 -22.77 -34.77 -31.83
CA MET B 36 -22.15 -34.78 -30.50
C MET B 36 -21.59 -33.40 -30.19
N VAL B 37 -21.44 -32.56 -31.22
CA VAL B 37 -20.88 -31.22 -31.08
C VAL B 37 -21.93 -30.11 -31.05
N TYR B 38 -21.80 -29.20 -30.09
CA TYR B 38 -22.73 -28.08 -29.97
C TYR B 38 -22.02 -26.82 -29.46
N ALA B 39 -22.65 -25.67 -29.69
CA ALA B 39 -22.11 -24.40 -29.22
C ALA B 39 -23.18 -23.74 -28.36
N THR B 40 -22.79 -23.21 -27.21
CA THR B 40 -23.74 -22.55 -26.33
C THR B 40 -24.27 -21.27 -26.98
N THR B 41 -25.47 -20.87 -26.61
CA THR B 41 -26.08 -19.66 -27.15
C THR B 41 -26.90 -18.99 -26.06
N SER B 42 -27.45 -17.82 -26.38
CA SER B 42 -28.25 -17.06 -25.43
C SER B 42 -29.51 -17.81 -24.99
N ARG B 43 -29.92 -18.80 -25.78
CA ARG B 43 -31.10 -19.58 -25.43
C ARG B 43 -30.98 -20.27 -24.07
N SER B 44 -29.75 -20.55 -23.65
CA SER B 44 -29.53 -21.20 -22.35
C SER B 44 -29.09 -20.22 -21.28
N ALA B 45 -29.11 -18.93 -21.60
CA ALA B 45 -28.69 -17.91 -20.64
C ALA B 45 -29.44 -18.01 -19.32
N SER B 46 -30.74 -18.27 -19.38
CA SER B 46 -31.57 -18.37 -18.18
C SER B 46 -31.09 -19.48 -17.24
N LEU B 47 -30.64 -20.60 -17.81
CA LEU B 47 -30.15 -21.70 -17.00
C LEU B 47 -28.88 -21.26 -16.27
N ARG B 48 -28.04 -20.50 -16.95
CA ARG B 48 -26.81 -20.02 -16.34
C ARG B 48 -27.12 -19.04 -15.22
N GLN B 49 -28.05 -18.13 -15.49
CA GLN B 49 -28.45 -17.13 -14.50
C GLN B 49 -28.88 -17.77 -13.19
N LYS B 50 -29.63 -18.85 -13.30
CA LYS B 50 -30.08 -19.56 -12.10
C LYS B 50 -28.91 -20.09 -11.29
N LYS B 51 -27.88 -20.61 -11.97
CA LYS B 51 -26.74 -21.15 -11.26
C LYS B 51 -25.81 -20.13 -10.62
N VAL B 52 -25.66 -18.95 -11.24
CA VAL B 52 -24.76 -17.93 -10.70
C VAL B 52 -25.39 -16.91 -9.76
N THR B 53 -26.69 -17.03 -9.52
CA THR B 53 -27.40 -16.07 -8.67
C THR B 53 -27.67 -16.63 -7.27
N PHE B 54 -27.02 -16.05 -6.27
CA PHE B 54 -27.20 -16.49 -4.90
C PHE B 54 -26.60 -15.50 -3.92
N ASP B 55 -26.98 -15.63 -2.65
CA ASP B 55 -26.49 -14.73 -1.63
C ASP B 55 -25.16 -15.22 -1.07
N ARG B 56 -24.21 -14.30 -0.93
CA ARG B 56 -22.90 -14.64 -0.39
C ARG B 56 -22.86 -14.21 1.08
N LEU B 57 -22.44 -15.13 1.95
CA LEU B 57 -22.35 -14.86 3.39
C LEU B 57 -20.94 -15.14 3.88
N GLN B 58 -20.03 -14.27 3.48
CA GLN B 58 -18.63 -14.40 3.80
C GLN B 58 -18.26 -14.14 5.25
N VAL B 59 -17.39 -15.00 5.78
CA VAL B 59 -16.91 -14.89 7.16
C VAL B 59 -15.39 -15.02 7.14
N LEU B 60 -14.70 -13.94 7.50
CA LEU B 60 -13.25 -13.94 7.50
C LEU B 60 -12.70 -14.25 8.91
N ASP B 61 -11.46 -14.72 8.97
CA ASP B 61 -10.83 -15.04 10.26
C ASP B 61 -9.40 -14.55 10.33
N ASP B 62 -8.71 -14.86 11.44
CA ASP B 62 -7.33 -14.43 11.62
C ASP B 62 -6.36 -14.98 10.58
N HIS B 63 -6.56 -16.21 10.13
CA HIS B 63 -5.67 -16.77 9.11
C HIS B 63 -5.79 -15.97 7.82
N TYR B 64 -7.03 -15.61 7.46
CA TYR B 64 -7.27 -14.82 6.25
C TYR B 64 -6.52 -13.50 6.37
N ARG B 65 -6.73 -12.80 7.48
CA ARG B 65 -6.07 -11.52 7.70
C ARG B 65 -4.55 -11.63 7.73
N ASP B 66 -4.03 -12.73 8.29
CA ASP B 66 -2.59 -12.94 8.35
C ASP B 66 -2.00 -13.07 6.96
N VAL B 67 -2.59 -13.94 6.14
CA VAL B 67 -2.11 -14.15 4.78
C VAL B 67 -2.19 -12.87 3.95
N LEU B 68 -3.27 -12.10 4.12
CA LEU B 68 -3.43 -10.85 3.38
C LEU B 68 -2.27 -9.92 3.65
N LYS B 69 -1.91 -9.74 4.92
CA LYS B 69 -0.79 -8.87 5.28
C LYS B 69 0.50 -9.37 4.63
N GLU B 70 0.69 -10.69 4.63
CA GLU B 70 1.87 -11.28 4.02
C GLU B 70 1.92 -10.92 2.53
N MET B 71 0.77 -11.02 1.87
CA MET B 71 0.69 -10.70 0.45
C MET B 71 0.94 -9.21 0.20
N LYS B 72 0.36 -8.36 1.05
CA LYS B 72 0.55 -6.93 0.90
C LYS B 72 2.01 -6.50 1.07
N ALA B 73 2.72 -7.16 2.00
CA ALA B 73 4.13 -6.85 2.23
C ALA B 73 4.95 -7.08 0.96
N LYS B 74 4.61 -8.12 0.21
CA LYS B 74 5.30 -8.43 -1.03
C LYS B 74 4.88 -7.47 -2.15
N ALA B 75 3.60 -7.12 -2.17
CA ALA B 75 3.11 -6.21 -3.20
C ALA B 75 3.78 -4.84 -3.08
N SER B 76 4.11 -4.46 -1.85
CA SER B 76 4.72 -3.16 -1.56
C SER B 76 6.12 -2.97 -2.17
N THR B 77 6.66 -4.01 -2.81
CA THR B 77 7.97 -3.91 -3.44
C THR B 77 7.80 -3.51 -4.90
N VAL B 78 6.56 -3.50 -5.36
CA VAL B 78 6.26 -3.20 -6.76
C VAL B 78 6.11 -1.71 -7.09
N LYS B 79 6.61 -1.33 -8.26
CA LYS B 79 6.48 0.03 -8.76
C LYS B 79 5.83 -0.15 -10.12
N ALA B 80 4.61 0.36 -10.26
CA ALA B 80 3.88 0.23 -11.51
C ALA B 80 3.84 1.54 -12.28
N LYS B 81 3.91 1.43 -13.61
CA LYS B 81 3.89 2.60 -14.45
C LYS B 81 2.55 2.77 -15.12
N LEU B 82 2.23 4.02 -15.39
CA LEU B 82 1.00 4.38 -16.06
C LEU B 82 1.30 4.22 -17.56
N LEU B 83 0.41 3.58 -18.31
CA LEU B 83 0.65 3.41 -19.74
C LEU B 83 0.12 4.65 -20.46
N SER B 84 0.82 5.05 -21.53
CA SER B 84 0.39 6.19 -22.31
C SER B 84 -0.83 5.74 -23.11
N ILE B 85 -1.60 6.69 -23.62
CA ILE B 85 -2.77 6.32 -24.39
C ILE B 85 -2.36 5.52 -25.62
N GLU B 86 -1.21 5.84 -26.19
CA GLU B 86 -0.73 5.12 -27.37
C GLU B 86 -0.43 3.67 -27.03
N GLU B 87 0.25 3.44 -25.92
CA GLU B 87 0.59 2.09 -25.49
C GLU B 87 -0.66 1.26 -25.23
N ALA B 88 -1.64 1.88 -24.58
CA ALA B 88 -2.90 1.21 -24.27
C ALA B 88 -3.67 0.89 -25.55
N CYS B 89 -3.69 1.83 -26.49
CA CYS B 89 -4.38 1.61 -27.76
C CYS B 89 -3.80 0.44 -28.54
N LYS B 90 -2.49 0.29 -28.50
CA LYS B 90 -1.80 -0.78 -29.21
C LYS B 90 -2.08 -2.17 -28.63
N LEU B 91 -2.51 -2.21 -27.37
CA LEU B 91 -2.82 -3.48 -26.70
C LEU B 91 -4.23 -3.95 -27.02
N THR B 92 -4.99 -3.12 -27.73
CA THR B 92 -6.36 -3.42 -28.09
C THR B 92 -6.47 -4.33 -29.30
N PRO B 93 -7.19 -5.46 -29.17
CA PRO B 93 -7.37 -6.40 -30.28
C PRO B 93 -8.08 -5.72 -31.45
N PRO B 94 -7.62 -5.98 -32.68
CA PRO B 94 -8.20 -5.40 -33.90
C PRO B 94 -9.71 -5.58 -34.02
N HIS B 95 -10.23 -6.65 -33.43
CA HIS B 95 -11.66 -6.91 -33.51
C HIS B 95 -12.41 -6.81 -32.19
N SER B 96 -11.88 -5.98 -31.28
CA SER B 96 -12.52 -5.77 -29.99
C SER B 96 -13.87 -5.08 -30.23
N ALA B 97 -14.83 -5.30 -29.34
CA ALA B 97 -16.15 -4.71 -29.48
C ALA B 97 -16.05 -3.19 -29.62
N LYS B 98 -16.73 -2.64 -30.63
CA LYS B 98 -16.69 -1.20 -30.86
C LYS B 98 -17.37 -0.42 -29.74
N SER B 99 -17.03 0.86 -29.65
CA SER B 99 -17.60 1.73 -28.63
C SER B 99 -19.00 2.21 -29.01
N LYS B 100 -19.77 2.54 -27.99
CA LYS B 100 -21.13 3.04 -28.18
C LYS B 100 -21.02 4.47 -28.69
N PHE B 101 -19.84 5.07 -28.53
CA PHE B 101 -19.61 6.44 -28.94
C PHE B 101 -19.11 6.70 -30.36
N GLY B 102 -19.40 5.78 -31.27
CA GLY B 102 -19.03 5.97 -32.67
C GLY B 102 -17.64 5.71 -33.19
N TYR B 103 -16.91 4.78 -32.58
CA TYR B 103 -15.57 4.44 -33.06
C TYR B 103 -15.29 2.99 -32.67
N GLY B 104 -14.46 2.32 -33.45
CA GLY B 104 -14.16 0.92 -33.18
C GLY B 104 -12.72 0.65 -32.80
N ALA B 105 -12.38 -0.63 -32.66
CA ALA B 105 -11.02 -1.03 -32.28
C ALA B 105 -10.01 -0.57 -33.32
N LYS B 106 -10.43 -0.56 -34.58
CA LYS B 106 -9.58 -0.14 -35.68
C LYS B 106 -9.18 1.32 -35.45
N ASP B 107 -10.18 2.14 -35.10
CA ASP B 107 -9.95 3.55 -34.85
C ASP B 107 -9.03 3.74 -33.65
N VAL B 108 -9.22 2.90 -32.63
CA VAL B 108 -8.38 2.95 -31.43
C VAL B 108 -6.92 2.67 -31.77
N ARG B 109 -6.68 1.58 -32.48
CA ARG B 109 -5.33 1.19 -32.86
C ARG B 109 -4.68 2.23 -33.77
N ASN B 110 -5.49 2.94 -34.55
CA ASN B 110 -4.97 3.98 -35.45
C ASN B 110 -4.85 5.32 -34.75
N LEU B 111 -5.22 5.36 -33.48
CA LEU B 111 -5.17 6.60 -32.71
C LEU B 111 -5.97 7.71 -33.40
N SER B 112 -7.17 7.37 -33.87
CA SER B 112 -8.01 8.35 -34.55
C SER B 112 -8.42 9.42 -33.54
N SER B 113 -8.67 10.63 -34.02
CA SER B 113 -9.04 11.74 -33.14
C SER B 113 -10.27 11.48 -32.28
N ARG B 114 -11.33 10.95 -32.87
CA ARG B 114 -12.55 10.68 -32.12
C ARG B 114 -12.31 9.64 -31.02
N ALA B 115 -11.64 8.54 -31.37
CA ALA B 115 -11.38 7.50 -30.39
C ALA B 115 -10.50 8.04 -29.25
N VAL B 116 -9.37 8.62 -29.61
CA VAL B 116 -8.43 9.15 -28.62
C VAL B 116 -9.04 10.23 -27.73
N ASN B 117 -9.82 11.13 -28.32
CA ASN B 117 -10.42 12.19 -27.54
C ASN B 117 -11.51 11.67 -26.60
N HIS B 118 -12.21 10.62 -27.01
CA HIS B 118 -13.22 10.06 -26.11
C HIS B 118 -12.51 9.31 -24.98
N ILE B 119 -11.41 8.63 -25.31
CA ILE B 119 -10.67 7.89 -24.29
C ILE B 119 -10.14 8.85 -23.23
N ARG B 120 -9.68 10.02 -23.65
CA ARG B 120 -9.18 11.02 -22.70
C ARG B 120 -10.32 11.50 -21.79
N SER B 121 -11.51 11.67 -22.37
CA SER B 121 -12.66 12.10 -21.61
C SER B 121 -13.02 11.06 -20.55
N VAL B 122 -12.94 9.79 -20.93
CA VAL B 122 -13.26 8.71 -20.00
C VAL B 122 -12.28 8.71 -18.83
N TRP B 123 -11.00 8.97 -19.13
CA TRP B 123 -9.96 9.00 -18.12
C TRP B 123 -10.22 10.16 -17.16
N GLU B 124 -10.47 11.35 -17.71
CA GLU B 124 -10.76 12.51 -16.87
C GLU B 124 -11.99 12.27 -15.99
N ASP B 125 -12.99 11.58 -16.51
CA ASP B 125 -14.20 11.29 -15.75
C ASP B 125 -13.89 10.37 -14.55
N LEU B 126 -12.93 9.47 -14.71
CA LEU B 126 -12.55 8.57 -13.62
C LEU B 126 -11.95 9.41 -12.48
N LEU B 127 -11.34 10.52 -12.83
CA LEU B 127 -10.73 11.40 -11.84
C LEU B 127 -11.79 12.34 -11.24
N GLU B 128 -12.73 12.76 -12.07
CA GLU B 128 -13.78 13.68 -11.68
C GLU B 128 -14.96 13.03 -10.95
N ASP B 129 -15.21 11.76 -11.24
CA ASP B 129 -16.32 11.04 -10.63
C ASP B 129 -15.81 9.77 -9.95
N THR B 130 -16.00 9.70 -8.63
CA THR B 130 -15.53 8.56 -7.86
C THR B 130 -16.65 7.60 -7.44
N GLU B 131 -17.88 7.86 -7.85
CA GLU B 131 -18.99 7.02 -7.40
C GLU B 131 -19.97 6.41 -8.40
N THR B 132 -20.31 7.15 -9.46
CA THR B 132 -21.31 6.65 -10.41
C THR B 132 -20.98 5.32 -11.08
N PRO B 133 -21.84 4.31 -10.88
CA PRO B 133 -21.61 3.01 -11.49
C PRO B 133 -21.42 3.16 -12.99
N ILE B 134 -20.47 2.41 -13.54
CA ILE B 134 -20.19 2.45 -14.97
C ILE B 134 -20.99 1.34 -15.62
N ASP B 135 -21.60 1.64 -16.78
CA ASP B 135 -22.41 0.65 -17.46
C ASP B 135 -21.60 -0.52 -18.02
N THR B 136 -22.26 -1.67 -18.13
CA THR B 136 -21.62 -2.85 -18.69
C THR B 136 -22.66 -3.54 -19.55
N THR B 137 -22.18 -4.35 -20.48
CA THR B 137 -23.07 -5.11 -21.36
C THR B 137 -22.93 -6.57 -20.92
N ILE B 138 -24.05 -7.28 -20.88
CA ILE B 138 -24.02 -8.70 -20.52
C ILE B 138 -24.44 -9.49 -21.75
N MET B 139 -23.69 -10.54 -22.04
CA MET B 139 -23.96 -11.38 -23.21
C MET B 139 -23.75 -12.84 -22.87
N ALA B 140 -24.36 -13.71 -23.66
CA ALA B 140 -24.21 -15.14 -23.49
C ALA B 140 -22.99 -15.48 -24.34
N LYS B 141 -22.03 -16.19 -23.76
CA LYS B 141 -20.83 -16.58 -24.47
C LYS B 141 -21.07 -17.75 -25.41
N SER B 142 -20.39 -17.74 -26.56
CA SER B 142 -20.52 -18.81 -27.54
C SER B 142 -19.29 -19.71 -27.46
N GLU B 143 -19.48 -20.91 -26.90
CA GLU B 143 -18.39 -21.87 -26.75
C GLU B 143 -18.84 -23.24 -27.24
N VAL B 144 -17.90 -24.00 -27.81
CA VAL B 144 -18.19 -25.31 -28.33
C VAL B 144 -17.72 -26.45 -27.43
N PHE B 145 -18.60 -27.44 -27.23
CA PHE B 145 -18.30 -28.61 -26.40
C PHE B 145 -18.91 -29.85 -27.05
N CYS B 146 -18.63 -31.00 -26.45
CA CYS B 146 -19.17 -32.27 -26.89
C CYS B 146 -20.23 -32.63 -25.85
N VAL B 147 -21.41 -33.06 -26.29
CA VAL B 147 -22.47 -33.42 -25.35
C VAL B 147 -21.98 -34.40 -24.31
N GLY B 153 -27.11 -33.18 -18.97
CA GLY B 153 -26.15 -33.01 -20.08
C GLY B 153 -26.19 -31.62 -20.68
N ARG B 154 -25.20 -31.30 -21.51
CA ARG B 154 -25.08 -30.00 -22.16
C ARG B 154 -25.04 -28.85 -21.16
N LYS B 155 -23.96 -28.07 -21.20
CA LYS B 155 -23.80 -26.96 -20.28
C LYS B 155 -24.33 -25.64 -20.84
N PRO B 156 -24.92 -24.82 -19.97
CA PRO B 156 -25.49 -23.53 -20.37
C PRO B 156 -24.36 -22.55 -20.71
N ALA B 157 -24.67 -21.55 -21.52
CA ALA B 157 -23.67 -20.56 -21.90
C ALA B 157 -23.17 -19.79 -20.69
N ARG B 158 -21.90 -19.42 -20.71
CA ARG B 158 -21.32 -18.62 -19.64
C ARG B 158 -21.81 -17.19 -19.92
N LEU B 159 -21.83 -16.36 -18.90
CA LEU B 159 -22.26 -14.98 -19.06
C LEU B 159 -21.06 -14.05 -19.01
N ILE B 160 -20.89 -13.21 -20.02
CA ILE B 160 -19.77 -12.29 -20.01
C ILE B 160 -20.28 -10.86 -19.81
N VAL B 161 -19.55 -10.12 -18.98
CA VAL B 161 -19.89 -8.75 -18.62
C VAL B 161 -18.69 -7.87 -18.89
N PHE B 162 -18.87 -6.82 -19.67
CA PHE B 162 -17.78 -5.91 -20.01
C PHE B 162 -18.23 -4.46 -20.24
N PRO B 163 -17.34 -3.50 -19.94
CA PRO B 163 -17.62 -2.07 -20.12
C PRO B 163 -17.31 -1.67 -21.56
N ASP B 164 -17.65 -0.43 -21.90
CA ASP B 164 -17.43 0.11 -23.23
C ASP B 164 -15.95 0.20 -23.56
N LEU B 165 -15.64 0.15 -24.85
CA LEU B 165 -14.26 0.21 -25.34
C LEU B 165 -13.44 1.35 -24.71
N GLY B 166 -14.04 2.53 -24.58
CA GLY B 166 -13.33 3.66 -23.99
C GLY B 166 -12.80 3.32 -22.60
N VAL B 167 -13.67 2.75 -21.78
CA VAL B 167 -13.30 2.33 -20.44
C VAL B 167 -12.20 1.27 -20.46
N ARG B 168 -12.30 0.32 -21.39
CA ARG B 168 -11.31 -0.74 -21.47
C ARG B 168 -9.89 -0.21 -21.73
N VAL B 169 -9.77 0.82 -22.54
CA VAL B 169 -8.45 1.39 -22.82
C VAL B 169 -7.93 2.09 -21.56
N CYS B 170 -8.84 2.74 -20.84
CA CYS B 170 -8.46 3.43 -19.61
C CYS B 170 -7.98 2.43 -18.55
N GLU B 171 -8.60 1.25 -18.53
CA GLU B 171 -8.20 0.21 -17.57
C GLU B 171 -6.73 -0.15 -17.83
N LYS B 172 -6.40 -0.31 -19.11
CA LYS B 172 -5.02 -0.65 -19.48
C LYS B 172 -4.04 0.42 -19.01
N MET B 173 -4.35 1.68 -19.26
CA MET B 173 -3.46 2.75 -18.85
C MET B 173 -3.19 2.73 -17.35
N ALA B 174 -4.24 2.55 -16.57
CA ALA B 174 -4.10 2.55 -15.12
C ALA B 174 -3.59 1.25 -14.52
N LEU B 175 -3.98 0.12 -15.10
CA LEU B 175 -3.65 -1.17 -14.53
C LEU B 175 -2.90 -2.25 -15.33
N TYR B 176 -2.60 -2.02 -16.60
CA TYR B 176 -1.90 -3.06 -17.36
C TYR B 176 -0.61 -3.52 -16.69
N ASP B 177 0.24 -2.58 -16.33
CA ASP B 177 1.52 -2.92 -15.70
C ASP B 177 1.29 -3.66 -14.38
N VAL B 178 0.34 -3.18 -13.58
CA VAL B 178 0.03 -3.81 -12.30
C VAL B 178 -0.37 -5.29 -12.46
N VAL B 179 -1.37 -5.58 -13.30
CA VAL B 179 -1.82 -6.96 -13.47
C VAL B 179 -0.81 -7.84 -14.20
N SER B 180 0.20 -7.22 -14.80
CA SER B 180 1.23 -7.96 -15.52
C SER B 180 2.46 -8.26 -14.67
N THR B 181 2.63 -7.54 -13.57
CA THR B 181 3.80 -7.74 -12.72
C THR B 181 3.53 -8.05 -11.26
N LEU B 182 2.42 -7.54 -10.73
CA LEU B 182 2.12 -7.77 -9.31
C LEU B 182 1.85 -9.21 -8.89
N PRO B 183 1.11 -9.99 -9.68
CA PRO B 183 0.83 -11.38 -9.31
C PRO B 183 2.08 -12.20 -8.95
N GLN B 184 3.11 -12.12 -9.78
CA GLN B 184 4.32 -12.89 -9.49
C GLN B 184 5.08 -12.33 -8.29
N ALA B 185 5.04 -11.01 -8.12
CA ALA B 185 5.72 -10.39 -7.00
C ALA B 185 5.11 -10.88 -5.68
N VAL B 186 3.79 -11.01 -5.68
CA VAL B 186 3.06 -11.45 -4.50
C VAL B 186 3.04 -12.96 -4.25
N MET B 187 2.83 -13.74 -5.31
CA MET B 187 2.72 -15.18 -5.18
C MET B 187 3.93 -16.03 -5.56
N GLY B 188 4.97 -15.40 -6.08
CA GLY B 188 6.17 -16.14 -6.45
C GLY B 188 5.92 -17.32 -7.37
N SER B 189 6.54 -18.46 -7.06
CA SER B 189 6.42 -19.65 -7.88
C SER B 189 4.99 -20.21 -8.00
N SER B 190 4.10 -19.77 -7.11
CA SER B 190 2.72 -20.24 -7.15
C SER B 190 1.87 -19.58 -8.24
N TYR B 191 2.39 -18.53 -8.87
CA TYR B 191 1.64 -17.86 -9.92
C TYR B 191 1.78 -18.67 -11.21
N GLY B 192 0.71 -19.38 -11.56
CA GLY B 192 0.74 -20.24 -12.74
C GLY B 192 1.02 -19.69 -14.12
N PHE B 193 0.57 -18.47 -14.41
CA PHE B 193 0.75 -17.90 -15.74
C PHE B 193 2.16 -17.52 -16.16
N GLN B 194 3.12 -17.63 -15.24
CA GLN B 194 4.51 -17.32 -15.56
C GLN B 194 5.18 -18.53 -16.20
N TYR B 195 4.45 -19.64 -16.27
CA TYR B 195 5.01 -20.88 -16.82
C TYR B 195 4.51 -21.33 -18.18
N SER B 196 5.44 -21.83 -18.99
CA SER B 196 5.08 -22.37 -20.28
C SER B 196 4.64 -23.78 -19.87
N PRO B 197 4.05 -24.54 -20.79
CA PRO B 197 3.62 -25.89 -20.40
C PRO B 197 4.71 -26.73 -19.74
N LYS B 198 5.91 -26.71 -20.33
CA LYS B 198 7.03 -27.48 -19.81
C LYS B 198 7.45 -27.01 -18.42
N GLN B 199 7.43 -25.70 -18.20
CA GLN B 199 7.82 -25.15 -16.90
C GLN B 199 6.77 -25.48 -15.85
N ARG B 200 5.50 -25.54 -16.26
CA ARG B 200 4.45 -25.87 -15.32
C ARG B 200 4.65 -27.30 -14.84
N VAL B 201 4.95 -28.19 -15.79
CA VAL B 201 5.19 -29.59 -15.47
C VAL B 201 6.39 -29.70 -14.55
N GLU B 202 7.44 -28.95 -14.84
CA GLU B 202 8.65 -28.96 -14.02
C GLU B 202 8.35 -28.57 -12.57
N PHE B 203 7.60 -27.48 -12.39
CA PHE B 203 7.25 -27.00 -11.06
C PHE B 203 6.39 -28.00 -10.32
N LEU B 204 5.43 -28.60 -11.04
CA LEU B 204 4.55 -29.59 -10.43
C LEU B 204 5.34 -30.82 -9.99
N VAL B 205 6.21 -31.30 -10.87
CA VAL B 205 7.03 -32.46 -10.57
C VAL B 205 7.99 -32.20 -9.42
N ASN B 206 8.72 -31.09 -9.48
CA ASN B 206 9.66 -30.77 -8.41
C ASN B 206 8.95 -30.57 -7.08
N THR B 207 7.78 -29.93 -7.12
CA THR B 207 7.03 -29.69 -5.90
C THR B 207 6.58 -31.04 -5.33
N TRP B 208 6.08 -31.90 -6.19
CA TRP B 208 5.63 -33.22 -5.77
C TRP B 208 6.79 -33.97 -5.15
N LYS B 209 7.96 -33.88 -5.78
CA LYS B 209 9.15 -34.56 -5.29
C LYS B 209 9.77 -33.92 -4.05
N SER B 210 9.31 -32.73 -3.68
CA SER B 210 9.86 -32.05 -2.51
C SER B 210 9.19 -32.47 -1.21
N LYS B 211 8.09 -33.20 -1.31
CA LYS B 211 7.38 -33.67 -0.13
C LYS B 211 7.84 -35.08 0.21
N LYS B 212 7.94 -35.41 1.50
CA LYS B 212 8.33 -36.75 1.91
C LYS B 212 7.30 -37.69 1.30
N CYS B 213 6.07 -37.58 1.79
CA CYS B 213 4.95 -38.37 1.31
C CYS B 213 3.94 -37.35 0.82
N PRO B 214 3.97 -37.05 -0.48
CA PRO B 214 3.08 -36.08 -1.14
C PRO B 214 1.61 -36.48 -1.25
N MET B 215 0.77 -35.45 -1.17
CA MET B 215 -0.68 -35.59 -1.30
C MET B 215 -1.08 -34.33 -2.04
N GLY B 216 -1.94 -34.46 -3.05
CA GLY B 216 -2.35 -33.30 -3.79
C GLY B 216 -3.81 -33.38 -4.21
N PHE B 217 -4.37 -32.22 -4.53
CA PHE B 217 -5.75 -32.15 -4.96
C PHE B 217 -6.02 -30.86 -5.71
N SER B 218 -6.99 -30.92 -6.61
CA SER B 218 -7.40 -29.76 -7.36
C SER B 218 -8.64 -29.29 -6.62
N TYR B 219 -8.87 -27.98 -6.58
CA TYR B 219 -10.05 -27.48 -5.90
C TYR B 219 -10.89 -26.69 -6.89
N ASP B 220 -12.11 -27.16 -7.11
CA ASP B 220 -13.03 -26.52 -8.05
C ASP B 220 -14.06 -25.66 -7.33
N THR B 221 -13.90 -24.34 -7.38
CA THR B 221 -14.85 -23.45 -6.74
C THR B 221 -16.09 -23.33 -7.62
N ARG B 222 -17.27 -23.48 -7.05
CA ARG B 222 -18.50 -23.37 -7.84
C ARG B 222 -18.71 -21.94 -8.35
N CYS B 223 -18.71 -21.78 -9.67
CA CYS B 223 -18.91 -20.47 -10.30
C CYS B 223 -18.14 -19.37 -9.56
N PHE B 224 -16.83 -19.50 -9.55
CA PHE B 224 -15.95 -18.57 -8.85
C PHE B 224 -16.29 -17.09 -8.98
N ASP B 225 -16.48 -16.60 -10.20
CA ASP B 225 -16.80 -15.18 -10.39
C ASP B 225 -17.96 -14.72 -9.50
N SER B 226 -19.00 -15.53 -9.43
CA SER B 226 -20.18 -15.19 -8.63
C SER B 226 -19.90 -15.24 -7.13
N THR B 227 -18.85 -15.94 -6.71
CA THR B 227 -18.54 -16.02 -5.30
C THR B 227 -17.71 -14.85 -4.80
N VAL B 228 -17.12 -14.10 -5.73
CA VAL B 228 -16.30 -12.94 -5.38
C VAL B 228 -17.19 -11.83 -4.80
N THR B 229 -16.87 -11.40 -3.59
CA THR B 229 -17.65 -10.37 -2.90
C THR B 229 -17.10 -8.95 -3.06
N GLU B 230 -17.90 -7.98 -2.65
CA GLU B 230 -17.49 -6.59 -2.73
C GLU B 230 -16.25 -6.47 -1.84
N SER B 231 -16.26 -7.18 -0.73
CA SER B 231 -15.14 -7.18 0.19
C SER B 231 -13.88 -7.73 -0.50
N ASP B 232 -14.03 -8.82 -1.23
CA ASP B 232 -12.88 -9.43 -1.93
C ASP B 232 -12.28 -8.45 -2.93
N ILE B 233 -13.15 -7.72 -3.63
CA ILE B 233 -12.70 -6.77 -4.63
C ILE B 233 -11.98 -5.58 -4.02
N ARG B 234 -12.43 -5.14 -2.85
CA ARG B 234 -11.77 -4.03 -2.16
C ARG B 234 -10.44 -4.48 -1.55
N VAL B 235 -10.40 -5.74 -1.10
CA VAL B 235 -9.17 -6.30 -0.54
C VAL B 235 -8.15 -6.38 -1.67
N GLU B 236 -8.64 -6.74 -2.84
CA GLU B 236 -7.82 -6.86 -4.03
C GLU B 236 -7.24 -5.47 -4.32
N GLU B 237 -8.07 -4.43 -4.23
CA GLU B 237 -7.60 -3.07 -4.47
C GLU B 237 -6.54 -2.68 -3.42
N SER B 238 -6.73 -3.10 -2.18
CA SER B 238 -5.79 -2.76 -1.11
C SER B 238 -4.41 -3.31 -1.46
N ILE B 239 -4.39 -4.43 -2.18
CA ILE B 239 -3.13 -5.03 -2.60
C ILE B 239 -2.52 -4.16 -3.71
N TYR B 240 -3.32 -3.78 -4.70
CA TYR B 240 -2.83 -2.92 -5.80
C TYR B 240 -2.29 -1.58 -5.27
N GLN B 241 -2.96 -1.02 -4.27
CA GLN B 241 -2.54 0.28 -3.71
C GLN B 241 -1.20 0.23 -2.98
N CYS B 242 -0.67 -0.98 -2.75
CA CYS B 242 0.63 -1.11 -2.09
C CYS B 242 1.75 -0.79 -3.09
N CYS B 243 1.40 -0.75 -4.38
CA CYS B 243 2.37 -0.44 -5.41
C CYS B 243 2.70 1.04 -5.41
N ASP B 244 3.90 1.39 -5.87
CA ASP B 244 4.23 2.79 -6.01
C ASP B 244 3.47 3.14 -7.29
N LEU B 245 2.61 4.15 -7.23
CA LEU B 245 1.78 4.53 -8.37
C LEU B 245 1.72 6.01 -8.63
N ALA B 246 1.54 6.38 -9.90
CA ALA B 246 1.39 7.78 -10.27
C ALA B 246 0.06 8.20 -9.63
N PRO B 247 -0.08 9.49 -9.26
CA PRO B 247 -1.30 10.01 -8.63
C PRO B 247 -2.59 9.68 -9.39
N GLU B 248 -2.61 9.94 -10.68
CA GLU B 248 -3.80 9.67 -11.48
C GLU B 248 -4.09 8.17 -11.55
N ALA B 249 -3.05 7.34 -11.46
CA ALA B 249 -3.25 5.89 -11.51
C ALA B 249 -3.93 5.44 -10.22
N ARG B 250 -3.51 6.01 -9.09
CA ARG B 250 -4.12 5.67 -7.81
C ARG B 250 -5.60 5.97 -7.85
N GLN B 251 -5.94 7.17 -8.34
CA GLN B 251 -7.32 7.59 -8.41
C GLN B 251 -8.13 6.75 -9.40
N ALA B 252 -7.57 6.48 -10.58
CA ALA B 252 -8.27 5.68 -11.57
C ALA B 252 -8.58 4.30 -10.99
N ILE B 253 -7.62 3.73 -10.27
CA ILE B 253 -7.81 2.43 -9.65
C ILE B 253 -8.89 2.52 -8.56
N ARG B 254 -8.86 3.58 -7.76
CA ARG B 254 -9.86 3.78 -6.71
C ARG B 254 -11.25 3.92 -7.35
N SER B 255 -11.36 4.75 -8.37
CA SER B 255 -12.63 4.97 -9.07
C SER B 255 -13.12 3.74 -9.81
N LEU B 256 -12.23 3.06 -10.53
CA LEU B 256 -12.61 1.86 -11.26
C LEU B 256 -13.12 0.78 -10.30
N THR B 257 -12.48 0.66 -9.14
CA THR B 257 -12.88 -0.32 -8.16
C THR B 257 -14.32 -0.10 -7.70
N GLU B 258 -14.64 1.15 -7.33
CA GLU B 258 -15.97 1.46 -6.84
C GLU B 258 -17.05 1.58 -7.92
N ARG B 259 -16.69 2.05 -9.10
CA ARG B 259 -17.65 2.25 -10.17
C ARG B 259 -17.82 1.07 -11.14
N LEU B 260 -16.83 0.19 -11.19
CA LEU B 260 -16.89 -0.93 -12.14
C LEU B 260 -16.63 -2.32 -11.55
N TYR B 261 -15.48 -2.46 -10.90
CA TYR B 261 -15.11 -3.76 -10.36
C TYR B 261 -16.01 -4.36 -9.28
N ILE B 262 -16.48 -3.57 -8.31
CA ILE B 262 -17.33 -4.14 -7.28
C ILE B 262 -18.74 -4.49 -7.76
N GLY B 263 -19.12 -3.94 -8.90
CA GLY B 263 -20.45 -4.22 -9.44
C GLY B 263 -21.01 -3.07 -10.27
N GLY B 264 -22.23 -3.24 -10.74
CA GLY B 264 -22.86 -2.22 -11.55
C GLY B 264 -24.04 -2.75 -12.35
N PRO B 265 -24.71 -1.87 -13.11
CA PRO B 265 -25.87 -2.23 -13.93
C PRO B 265 -25.50 -3.08 -15.14
N LEU B 266 -26.40 -3.98 -15.52
CA LEU B 266 -26.20 -4.87 -16.66
C LEU B 266 -27.18 -4.46 -17.75
N THR B 267 -26.66 -4.24 -18.95
CA THR B 267 -27.48 -3.82 -20.09
C THR B 267 -27.35 -4.88 -21.18
N ASN B 268 -28.47 -5.31 -21.77
CA ASN B 268 -28.39 -6.32 -22.83
C ASN B 268 -28.03 -5.65 -24.14
N SER B 269 -27.87 -6.45 -25.19
CA SER B 269 -27.51 -5.92 -26.50
C SER B 269 -28.55 -4.97 -27.10
N LYS B 270 -29.76 -4.98 -26.54
CA LYS B 270 -30.82 -4.10 -27.04
C LYS B 270 -30.86 -2.77 -26.27
N GLY B 271 -29.97 -2.61 -25.29
CA GLY B 271 -29.96 -1.38 -24.53
C GLY B 271 -30.89 -1.38 -23.33
N GLN B 272 -31.45 -2.55 -23.01
CA GLN B 272 -32.37 -2.68 -21.88
C GLN B 272 -31.63 -3.06 -20.59
N ASN B 273 -32.11 -2.54 -19.47
CA ASN B 273 -31.52 -2.83 -18.15
C ASN B 273 -31.93 -4.24 -17.71
N CYS B 274 -30.96 -5.15 -17.64
CA CYS B 274 -31.20 -6.54 -17.24
C CYS B 274 -31.13 -6.76 -15.75
N GLY B 275 -30.46 -5.86 -15.04
CA GLY B 275 -30.33 -6.01 -13.61
C GLY B 275 -29.06 -5.41 -13.06
N TYR B 276 -28.55 -6.00 -11.98
CA TYR B 276 -27.36 -5.49 -11.32
C TYR B 276 -26.42 -6.61 -10.88
N ARG B 277 -25.12 -6.33 -10.93
CA ARG B 277 -24.09 -7.28 -10.55
C ARG B 277 -23.38 -6.82 -9.27
N ARG B 278 -23.09 -7.76 -8.37
CA ARG B 278 -22.38 -7.45 -7.13
C ARG B 278 -21.24 -8.44 -6.96
N CYS B 279 -20.74 -8.94 -8.08
CA CYS B 279 -19.63 -9.89 -8.08
C CYS B 279 -18.67 -9.56 -9.23
N ARG B 280 -17.71 -10.44 -9.44
CA ARG B 280 -16.70 -10.27 -10.48
C ARG B 280 -17.29 -10.23 -11.88
N ALA B 281 -16.86 -9.24 -12.68
CA ALA B 281 -17.30 -9.15 -14.07
C ALA B 281 -16.25 -9.97 -14.82
N SER B 282 -16.70 -10.83 -15.74
CA SER B 282 -15.78 -11.69 -16.49
C SER B 282 -14.87 -10.91 -17.44
N GLY B 283 -15.39 -9.82 -18.01
CA GLY B 283 -14.62 -9.07 -18.97
C GLY B 283 -13.98 -7.73 -18.62
N VAL B 284 -13.20 -7.71 -17.55
CA VAL B 284 -12.49 -6.48 -17.18
C VAL B 284 -11.02 -6.87 -17.06
N LEU B 285 -10.13 -5.90 -17.15
CA LEU B 285 -8.70 -6.20 -17.11
C LEU B 285 -8.19 -6.91 -15.87
N THR B 286 -8.77 -6.59 -14.71
CA THR B 286 -8.34 -7.19 -13.45
C THR B 286 -8.90 -8.57 -13.14
N THR B 287 -9.75 -9.10 -14.01
CA THR B 287 -10.35 -10.41 -13.71
C THR B 287 -9.37 -11.56 -13.49
N SER B 288 -8.41 -11.75 -14.37
CA SER B 288 -7.45 -12.84 -14.19
C SER B 288 -6.61 -12.62 -12.92
N CYS B 289 -6.01 -11.44 -12.82
CA CYS B 289 -5.17 -11.09 -11.68
C CYS B 289 -5.96 -11.14 -10.38
N GLY B 290 -7.12 -10.48 -10.38
CA GLY B 290 -7.97 -10.47 -9.19
C GLY B 290 -8.38 -11.85 -8.74
N ASN B 291 -8.84 -12.69 -9.67
CA ASN B 291 -9.24 -14.05 -9.32
C ASN B 291 -8.06 -14.84 -8.78
N THR B 292 -6.91 -14.70 -9.41
CA THR B 292 -5.72 -15.42 -8.97
C THR B 292 -5.35 -15.05 -7.52
N LEU B 293 -5.27 -13.75 -7.25
CA LEU B 293 -4.94 -13.26 -5.91
C LEU B 293 -5.98 -13.72 -4.88
N THR B 294 -7.25 -13.58 -5.25
CA THR B 294 -8.34 -13.97 -4.35
C THR B 294 -8.34 -15.46 -4.07
N CYS B 295 -8.14 -16.28 -5.11
CA CYS B 295 -8.11 -17.72 -4.94
C CYS B 295 -6.93 -18.12 -4.06
N TYR B 296 -5.77 -17.53 -4.33
CA TYR B 296 -4.55 -17.81 -3.58
C TYR B 296 -4.71 -17.42 -2.11
N LEU B 297 -5.26 -16.24 -1.87
CA LEU B 297 -5.46 -15.75 -0.51
C LEU B 297 -6.36 -16.68 0.30
N LYS B 298 -7.50 -17.05 -0.26
CA LYS B 298 -8.43 -17.93 0.43
C LYS B 298 -7.86 -19.32 0.65
N ALA B 299 -7.23 -19.88 -0.39
CA ALA B 299 -6.65 -21.21 -0.32
C ALA B 299 -5.52 -21.26 0.72
N THR B 300 -4.61 -20.29 0.66
CA THR B 300 -3.51 -20.26 1.59
C THR B 300 -4.00 -20.20 3.03
N ALA B 301 -5.01 -19.37 3.28
CA ALA B 301 -5.56 -19.24 4.62
C ALA B 301 -6.31 -20.51 5.04
N ALA B 302 -7.02 -21.11 4.09
CA ALA B 302 -7.79 -22.33 4.36
C ALA B 302 -6.88 -23.49 4.77
N CYS B 303 -5.72 -23.59 4.15
CA CYS B 303 -4.80 -24.65 4.50
C CYS B 303 -4.38 -24.53 5.96
N ARG B 304 -4.13 -23.30 6.41
CA ARG B 304 -3.75 -23.09 7.80
C ARG B 304 -4.93 -23.43 8.71
N ALA B 305 -6.13 -23.03 8.31
CA ALA B 305 -7.32 -23.32 9.09
C ALA B 305 -7.57 -24.82 9.16
N ALA B 306 -7.31 -25.52 8.06
CA ALA B 306 -7.51 -26.96 7.98
C ALA B 306 -6.30 -27.72 8.53
N LYS B 307 -5.25 -26.98 8.82
CA LYS B 307 -4.02 -27.56 9.35
C LYS B 307 -3.34 -28.52 8.39
N LEU B 308 -3.40 -28.22 7.10
CA LEU B 308 -2.74 -29.04 6.09
C LEU B 308 -1.27 -28.64 6.17
N GLN B 309 -0.37 -29.61 6.06
CA GLN B 309 1.07 -29.32 6.18
C GLN B 309 1.83 -29.08 4.88
N ASP B 310 2.68 -28.05 4.91
CA ASP B 310 3.51 -27.68 3.77
C ASP B 310 2.74 -27.61 2.46
N CYS B 311 1.72 -26.76 2.44
CA CYS B 311 0.90 -26.58 1.26
C CYS B 311 1.52 -25.67 0.22
N THR B 312 1.75 -26.21 -0.96
CA THR B 312 2.31 -25.44 -2.06
C THR B 312 1.17 -25.25 -3.05
N MET B 313 0.94 -24.00 -3.44
CA MET B 313 -0.14 -23.67 -4.37
C MET B 313 0.35 -23.43 -5.79
N LEU B 314 -0.55 -23.66 -6.74
CA LEU B 314 -0.30 -23.37 -8.14
C LEU B 314 -1.66 -22.82 -8.57
N VAL B 315 -1.71 -21.51 -8.80
CA VAL B 315 -2.94 -20.83 -9.14
C VAL B 315 -2.97 -20.14 -10.50
N ASN B 316 -4.04 -20.37 -11.26
CA ASN B 316 -4.25 -19.75 -12.56
C ASN B 316 -5.69 -19.25 -12.51
N GLY B 317 -5.89 -17.99 -12.12
CA GLY B 317 -7.24 -17.48 -12.02
C GLY B 317 -8.00 -18.26 -10.96
N ASP B 318 -9.15 -18.83 -11.30
CA ASP B 318 -9.94 -19.60 -10.34
C ASP B 318 -9.54 -21.08 -10.30
N ASP B 319 -8.52 -21.44 -11.09
CA ASP B 319 -8.07 -22.83 -11.13
C ASP B 319 -7.03 -23.02 -10.03
N LEU B 320 -7.27 -23.99 -9.15
CA LEU B 320 -6.38 -24.23 -8.04
C LEU B 320 -5.96 -25.69 -7.85
N VAL B 321 -4.67 -25.89 -7.65
CA VAL B 321 -4.12 -27.21 -7.39
C VAL B 321 -3.22 -27.04 -6.16
N VAL B 322 -3.36 -27.96 -5.21
CA VAL B 322 -2.58 -27.90 -3.98
C VAL B 322 -1.79 -29.19 -3.80
N ILE B 323 -0.52 -29.04 -3.40
CA ILE B 323 0.34 -30.18 -3.14
C ILE B 323 0.93 -29.99 -1.75
N CYS B 324 0.69 -30.94 -0.87
CA CYS B 324 1.17 -30.84 0.50
C CYS B 324 1.80 -32.13 1.03
N GLU B 325 2.05 -32.14 2.34
CA GLU B 325 2.64 -33.28 3.02
C GLU B 325 1.52 -34.14 3.60
N SER B 326 1.46 -35.40 3.19
CA SER B 326 0.42 -36.31 3.67
C SER B 326 0.63 -36.68 5.14
N ALA B 327 -0.49 -36.85 5.85
CA ALA B 327 -0.45 -37.22 7.26
C ALA B 327 -1.27 -38.49 7.47
N GLY B 328 -1.42 -39.27 6.41
CA GLY B 328 -2.19 -40.49 6.50
C GLY B 328 -3.51 -40.36 5.75
N THR B 329 -3.94 -41.45 5.13
CA THR B 329 -5.18 -41.46 4.36
C THR B 329 -6.36 -40.84 5.11
N GLN B 330 -6.63 -41.35 6.30
CA GLN B 330 -7.75 -40.86 7.11
C GLN B 330 -7.59 -39.38 7.46
N GLU B 331 -6.40 -39.01 7.93
CA GLU B 331 -6.12 -37.65 8.32
C GLU B 331 -6.27 -36.67 7.16
N ASP B 332 -5.77 -37.05 5.99
CA ASP B 332 -5.84 -36.19 4.81
C ASP B 332 -7.29 -35.94 4.39
N ALA B 333 -8.09 -36.99 4.36
CA ALA B 333 -9.49 -36.86 3.96
C ALA B 333 -10.21 -35.90 4.90
N ALA B 334 -9.90 -36.01 6.19
CA ALA B 334 -10.52 -35.15 7.19
C ALA B 334 -10.02 -33.71 7.06
N ALA B 335 -8.72 -33.55 6.82
CA ALA B 335 -8.16 -32.22 6.67
C ALA B 335 -8.72 -31.54 5.43
N LEU B 336 -8.84 -32.29 4.34
CA LEU B 336 -9.36 -31.73 3.10
C LEU B 336 -10.79 -31.26 3.29
N ARG B 337 -11.56 -31.96 4.14
CA ARG B 337 -12.93 -31.56 4.41
C ARG B 337 -12.91 -30.25 5.19
N ALA B 338 -11.92 -30.10 6.06
CA ALA B 338 -11.78 -28.88 6.85
C ALA B 338 -11.40 -27.73 5.91
N PHE B 339 -10.54 -28.04 4.94
CA PHE B 339 -10.10 -27.07 3.95
C PHE B 339 -11.31 -26.51 3.22
N THR B 340 -12.19 -27.41 2.78
CA THR B 340 -13.38 -27.02 2.05
C THR B 340 -14.33 -26.20 2.92
N GLU B 341 -14.43 -26.55 4.20
CA GLU B 341 -15.29 -25.82 5.11
C GLU B 341 -14.78 -24.38 5.23
N ALA B 342 -13.46 -24.22 5.31
CA ALA B 342 -12.85 -22.90 5.41
C ALA B 342 -13.09 -22.11 4.13
N MET B 343 -12.79 -22.71 2.98
CA MET B 343 -12.99 -22.05 1.70
C MET B 343 -14.43 -21.59 1.57
N THR B 344 -15.35 -22.43 2.06
CA THR B 344 -16.77 -22.13 2.00
C THR B 344 -17.10 -20.93 2.88
N ARG B 345 -16.46 -20.84 4.05
CA ARG B 345 -16.70 -19.70 4.92
C ARG B 345 -16.20 -18.44 4.21
N TYR B 346 -15.10 -18.57 3.49
CA TYR B 346 -14.50 -17.45 2.77
C TYR B 346 -15.27 -17.09 1.49
N SER B 347 -16.36 -17.80 1.24
CA SER B 347 -17.19 -17.58 0.05
C SER B 347 -16.52 -18.14 -1.20
N ALA B 348 -16.13 -19.40 -1.12
CA ALA B 348 -15.52 -20.11 -2.24
C ALA B 348 -15.95 -21.56 -2.12
N PRO B 349 -17.26 -21.81 -2.11
CA PRO B 349 -17.82 -23.16 -2.00
C PRO B 349 -17.36 -24.01 -3.18
N PRO B 350 -17.25 -25.33 -2.96
CA PRO B 350 -16.81 -26.27 -3.99
C PRO B 350 -17.88 -26.67 -5.02
N GLY B 351 -17.43 -26.91 -6.25
CA GLY B 351 -18.33 -27.34 -7.29
C GLY B 351 -18.32 -28.86 -7.17
N ASP B 352 -17.22 -29.47 -7.60
CA ASP B 352 -17.06 -30.91 -7.50
C ASP B 352 -16.32 -31.10 -6.18
N PRO B 353 -16.83 -31.98 -5.30
CA PRO B 353 -16.14 -32.18 -4.03
C PRO B 353 -14.67 -32.53 -4.28
N PRO B 354 -13.74 -31.90 -3.54
CA PRO B 354 -12.32 -32.21 -3.75
C PRO B 354 -11.98 -33.59 -3.21
N GLN B 355 -10.98 -34.23 -3.82
CA GLN B 355 -10.57 -35.56 -3.39
C GLN B 355 -9.04 -35.66 -3.38
N PRO B 356 -8.48 -36.19 -2.29
CA PRO B 356 -7.03 -36.34 -2.19
C PRO B 356 -6.47 -37.35 -3.18
N GLU B 357 -5.35 -36.98 -3.81
CA GLU B 357 -4.70 -37.85 -4.78
C GLU B 357 -3.27 -38.13 -4.31
N TYR B 358 -2.81 -39.35 -4.50
CA TYR B 358 -1.47 -39.73 -4.10
C TYR B 358 -0.62 -40.07 -5.31
N ASP B 359 -1.16 -39.77 -6.49
CA ASP B 359 -0.50 -39.99 -7.77
C ASP B 359 -0.61 -38.68 -8.56
N LEU B 360 0.51 -38.00 -8.75
CA LEU B 360 0.52 -36.72 -9.47
C LEU B 360 -0.23 -36.75 -10.80
N GLU B 361 -0.11 -37.84 -11.55
CA GLU B 361 -0.78 -37.96 -12.84
C GLU B 361 -2.30 -38.00 -12.77
N LEU B 362 -2.83 -38.30 -11.60
CA LEU B 362 -4.28 -38.38 -11.41
C LEU B 362 -4.91 -37.03 -11.04
N ILE B 363 -4.07 -35.99 -10.97
CA ILE B 363 -4.57 -34.66 -10.62
C ILE B 363 -4.80 -33.84 -11.89
N THR B 364 -6.00 -33.28 -12.02
CA THR B 364 -6.33 -32.47 -13.18
C THR B 364 -6.49 -31.00 -12.80
N SER B 365 -5.54 -30.17 -13.21
CA SER B 365 -5.58 -28.74 -12.92
C SER B 365 -5.41 -27.98 -14.24
N CYS B 366 -6.19 -26.92 -14.41
CA CYS B 366 -6.16 -26.13 -15.66
C CYS B 366 -6.58 -27.04 -16.80
N SER B 367 -7.51 -27.94 -16.51
CA SER B 367 -8.04 -28.89 -17.48
C SER B 367 -6.91 -29.73 -18.08
N SER B 368 -5.86 -29.96 -17.30
CA SER B 368 -4.73 -30.73 -17.77
C SER B 368 -4.16 -31.61 -16.66
N ASN B 369 -3.35 -32.58 -17.05
CA ASN B 369 -2.70 -33.47 -16.09
C ASN B 369 -1.32 -33.81 -16.61
N VAL B 370 -0.45 -34.21 -15.70
CA VAL B 370 0.91 -34.59 -16.06
C VAL B 370 0.89 -36.05 -16.51
N SER B 371 1.69 -36.38 -17.51
CA SER B 371 1.78 -37.75 -17.99
C SER B 371 3.22 -37.98 -18.43
N VAL B 372 3.55 -39.23 -18.77
CA VAL B 372 4.91 -39.53 -19.16
C VAL B 372 5.03 -40.35 -20.44
N ALA B 373 6.09 -40.06 -21.19
CA ALA B 373 6.40 -40.75 -22.44
C ALA B 373 7.92 -40.90 -22.45
N HIS B 374 8.49 -41.26 -23.61
CA HIS B 374 9.94 -41.42 -23.70
C HIS B 374 10.49 -40.76 -24.95
N ASP B 375 11.67 -40.15 -24.81
CA ASP B 375 12.31 -39.48 -25.94
C ASP B 375 13.12 -40.47 -26.76
N ALA B 376 13.75 -39.98 -27.82
CA ALA B 376 14.55 -40.83 -28.71
C ALA B 376 15.56 -41.68 -27.95
N SER B 377 16.08 -41.16 -26.85
CA SER B 377 17.07 -41.88 -26.05
C SER B 377 16.41 -42.89 -25.11
N GLY B 378 15.09 -42.94 -25.14
CA GLY B 378 14.37 -43.86 -24.29
C GLY B 378 14.25 -43.30 -22.88
N LYS B 379 14.68 -42.06 -22.71
CA LYS B 379 14.62 -41.39 -21.42
C LYS B 379 13.19 -40.96 -21.08
N ARG B 380 12.81 -41.19 -19.83
CA ARG B 380 11.48 -40.84 -19.34
C ARG B 380 11.29 -39.32 -19.41
N VAL B 381 10.22 -38.89 -20.05
CA VAL B 381 9.93 -37.46 -20.17
C VAL B 381 8.53 -37.12 -19.67
N TYR B 382 8.43 -36.04 -18.91
CA TYR B 382 7.15 -35.58 -18.37
C TYR B 382 6.60 -34.49 -19.29
N TYR B 383 5.28 -34.47 -19.46
CA TYR B 383 4.66 -33.47 -20.30
C TYR B 383 3.21 -33.22 -19.87
N LEU B 384 2.63 -32.14 -20.38
CA LEU B 384 1.26 -31.80 -20.02
C LEU B 384 0.27 -32.24 -21.10
N THR B 385 -0.81 -32.89 -20.68
CA THR B 385 -1.83 -33.35 -21.60
C THR B 385 -3.21 -33.13 -20.99
N ARG B 386 -4.24 -33.52 -21.72
CA ARG B 386 -5.62 -33.39 -21.26
C ARG B 386 -6.51 -34.22 -22.15
N ASP B 387 -7.76 -34.41 -21.72
CA ASP B 387 -8.72 -35.16 -22.51
C ASP B 387 -8.88 -34.34 -23.78
N PRO B 388 -8.73 -34.97 -24.96
CA PRO B 388 -8.84 -34.26 -26.23
C PRO B 388 -10.24 -33.95 -26.76
N THR B 389 -11.27 -34.37 -26.03
CA THR B 389 -12.65 -34.16 -26.47
C THR B 389 -12.98 -32.73 -26.91
N THR B 390 -12.83 -31.77 -25.99
CA THR B 390 -13.15 -30.39 -26.32
C THR B 390 -12.26 -29.84 -27.43
N PRO B 391 -10.94 -30.04 -27.34
CA PRO B 391 -10.08 -29.53 -28.41
C PRO B 391 -10.50 -30.06 -29.78
N LEU B 392 -10.87 -31.34 -29.85
CA LEU B 392 -11.29 -31.94 -31.11
C LEU B 392 -12.65 -31.42 -31.58
N ALA B 393 -13.57 -31.23 -30.65
CA ALA B 393 -14.89 -30.72 -31.01
C ALA B 393 -14.74 -29.31 -31.57
N ARG B 394 -13.87 -28.53 -30.95
CA ARG B 394 -13.66 -27.16 -31.40
C ARG B 394 -12.92 -27.11 -32.73
N ALA B 395 -12.01 -28.06 -32.96
CA ALA B 395 -11.27 -28.10 -34.21
C ALA B 395 -12.22 -28.44 -35.37
N ALA B 396 -13.19 -29.30 -35.09
CA ALA B 396 -14.17 -29.69 -36.10
C ALA B 396 -15.04 -28.47 -36.44
N TRP B 397 -15.44 -27.73 -35.40
CA TRP B 397 -16.26 -26.54 -35.57
C TRP B 397 -15.53 -25.50 -36.41
N GLU B 398 -14.27 -25.27 -36.09
CA GLU B 398 -13.45 -24.30 -36.81
C GLU B 398 -13.16 -24.74 -38.24
N THR B 399 -13.24 -26.05 -38.49
CA THR B 399 -13.00 -26.57 -39.83
C THR B 399 -14.24 -26.33 -40.70
N ALA B 400 -15.41 -26.47 -40.09
CA ALA B 400 -16.68 -26.30 -40.80
C ALA B 400 -17.17 -24.85 -40.86
N ARG B 401 -16.84 -24.06 -39.85
CA ARG B 401 -17.28 -22.66 -39.81
C ARG B 401 -16.11 -21.70 -39.63
N HIS B 402 -16.19 -20.54 -40.29
CA HIS B 402 -15.15 -19.54 -40.16
C HIS B 402 -15.17 -19.00 -38.73
N THR B 403 -13.99 -18.85 -38.14
CA THR B 403 -13.89 -18.34 -36.78
C THR B 403 -12.68 -17.44 -36.60
N PRO B 404 -12.86 -16.30 -35.93
CA PRO B 404 -11.79 -15.33 -35.67
C PRO B 404 -10.63 -15.95 -34.90
N ILE B 405 -10.94 -16.70 -33.85
CA ILE B 405 -9.93 -17.35 -33.04
C ILE B 405 -9.83 -18.83 -33.41
N ASN B 406 -8.60 -19.31 -33.57
CA ASN B 406 -8.36 -20.69 -33.93
C ASN B 406 -7.79 -21.47 -32.76
N SER B 407 -8.66 -22.11 -31.99
CA SER B 407 -8.24 -22.88 -30.83
C SER B 407 -7.29 -24.00 -31.23
N TRP B 408 -7.47 -24.56 -32.42
CA TRP B 408 -6.61 -25.66 -32.84
C TRP B 408 -5.14 -25.27 -32.86
N LEU B 409 -4.85 -24.07 -33.32
CA LEU B 409 -3.48 -23.58 -33.37
C LEU B 409 -2.98 -23.38 -31.94
N GLY B 410 -3.83 -22.81 -31.10
CA GLY B 410 -3.45 -22.60 -29.72
C GLY B 410 -3.20 -23.94 -29.04
N ASN B 411 -4.01 -24.95 -29.35
CA ASN B 411 -3.84 -26.27 -28.75
C ASN B 411 -2.58 -26.96 -29.24
N ILE B 412 -2.21 -26.76 -30.50
CA ILE B 412 -1.00 -27.39 -31.02
C ILE B 412 0.19 -26.83 -30.26
N ILE B 413 0.18 -25.51 -30.05
CA ILE B 413 1.27 -24.84 -29.35
C ILE B 413 1.40 -25.31 -27.91
N MET B 414 0.30 -25.27 -27.17
CA MET B 414 0.32 -25.67 -25.77
C MET B 414 0.46 -27.17 -25.54
N TYR B 415 -0.09 -27.98 -26.45
CA TYR B 415 -0.04 -29.43 -26.31
C TYR B 415 0.74 -30.16 -27.41
N ALA B 416 1.74 -29.49 -27.96
CA ALA B 416 2.56 -30.04 -29.04
C ALA B 416 3.14 -31.44 -28.78
N PRO B 417 3.52 -31.77 -27.53
CA PRO B 417 4.09 -33.08 -27.24
C PRO B 417 3.09 -34.24 -27.13
N THR B 418 1.81 -33.92 -27.01
CA THR B 418 0.79 -34.96 -26.85
C THR B 418 0.54 -35.84 -28.07
N LEU B 419 0.08 -37.06 -27.80
CA LEU B 419 -0.22 -38.04 -28.84
C LEU B 419 -1.28 -37.50 -29.79
N TRP B 420 -2.36 -36.95 -29.22
CA TRP B 420 -3.46 -36.44 -30.03
C TRP B 420 -3.18 -35.18 -30.84
N ALA B 421 -2.39 -34.26 -30.29
CA ALA B 421 -2.08 -33.04 -31.01
C ALA B 421 -1.19 -33.30 -32.22
N ARG B 422 -0.24 -34.22 -32.06
CA ARG B 422 0.69 -34.56 -33.13
C ARG B 422 0.03 -35.37 -34.23
N MET B 423 -0.58 -36.48 -33.86
CA MET B 423 -1.22 -37.36 -34.84
C MET B 423 -2.47 -36.78 -35.50
N ILE B 424 -3.30 -36.09 -34.73
CA ILE B 424 -4.54 -35.54 -35.27
C ILE B 424 -4.56 -34.05 -35.63
N LEU B 425 -4.37 -33.16 -34.66
CA LEU B 425 -4.41 -31.73 -34.96
C LEU B 425 -3.39 -31.30 -36.03
N MET B 426 -2.13 -31.68 -35.85
CA MET B 426 -1.11 -31.30 -36.83
C MET B 426 -1.40 -31.83 -38.24
N THR B 427 -1.71 -33.12 -38.32
CA THR B 427 -1.99 -33.75 -39.62
C THR B 427 -3.20 -33.12 -40.32
N HIS B 428 -4.30 -33.02 -39.59
CA HIS B 428 -5.52 -32.46 -40.12
C HIS B 428 -5.42 -31.03 -40.65
N PHE B 429 -4.88 -30.13 -39.83
CA PHE B 429 -4.78 -28.75 -40.24
C PHE B 429 -3.70 -28.41 -41.27
N PHE B 430 -2.55 -29.05 -41.22
CA PHE B 430 -1.53 -28.77 -42.23
C PHE B 430 -2.03 -29.28 -43.57
N SER B 431 -2.82 -30.34 -43.54
CA SER B 431 -3.39 -30.92 -44.75
C SER B 431 -4.30 -29.88 -45.38
N ILE B 432 -5.13 -29.24 -44.55
CA ILE B 432 -6.05 -28.21 -45.00
C ILE B 432 -5.29 -27.00 -45.54
N LEU B 433 -4.27 -26.58 -44.81
CA LEU B 433 -3.47 -25.42 -45.23
C LEU B 433 -2.79 -25.67 -46.56
N LEU B 434 -2.36 -26.91 -46.79
CA LEU B 434 -1.71 -27.27 -48.05
C LEU B 434 -2.70 -27.14 -49.20
N ALA B 435 -3.86 -27.79 -49.03
CA ALA B 435 -4.89 -27.76 -50.05
C ALA B 435 -5.34 -26.33 -50.34
N GLN B 436 -5.66 -25.58 -49.29
CA GLN B 436 -6.11 -24.21 -49.45
C GLN B 436 -4.96 -23.24 -49.73
N GLU B 437 -3.73 -23.74 -49.70
CA GLU B 437 -2.56 -22.91 -49.95
C GLU B 437 -2.53 -21.68 -49.05
N GLN B 438 -2.59 -21.91 -47.74
CA GLN B 438 -2.58 -20.82 -46.78
C GLN B 438 -1.52 -21.02 -45.70
N LEU B 439 -0.48 -21.77 -46.03
CA LEU B 439 0.60 -22.03 -45.08
C LEU B 439 1.33 -20.73 -44.72
N GLU B 440 1.15 -19.72 -45.56
CA GLU B 440 1.80 -18.43 -45.37
C GLU B 440 0.99 -17.44 -44.55
N LYS B 441 -0.32 -17.63 -44.51
CA LYS B 441 -1.20 -16.73 -43.77
C LYS B 441 -1.14 -16.89 -42.26
N ALA B 442 -0.96 -15.77 -41.56
CA ALA B 442 -0.89 -15.79 -40.10
C ALA B 442 -2.30 -15.92 -39.54
N LEU B 443 -2.41 -16.60 -38.40
CA LEU B 443 -3.71 -16.80 -37.77
C LEU B 443 -3.71 -16.36 -36.31
N ASP B 444 -4.88 -15.92 -35.83
CA ASP B 444 -5.01 -15.48 -34.45
C ASP B 444 -5.39 -16.64 -33.54
N CYS B 445 -4.79 -16.67 -32.36
CA CYS B 445 -5.09 -17.69 -31.37
C CYS B 445 -4.81 -17.08 -30.02
N GLN B 446 -5.34 -17.68 -28.96
CA GLN B 446 -5.12 -17.14 -27.63
C GLN B 446 -4.25 -18.03 -26.76
N ILE B 447 -3.43 -17.37 -25.94
CA ILE B 447 -2.55 -18.07 -25.01
C ILE B 447 -2.71 -17.34 -23.68
N TYR B 448 -3.28 -18.04 -22.70
CA TYR B 448 -3.53 -17.45 -21.39
C TYR B 448 -4.42 -16.21 -21.51
N GLY B 449 -5.42 -16.28 -22.39
CA GLY B 449 -6.34 -15.18 -22.55
C GLY B 449 -5.93 -14.06 -23.49
N ALA B 450 -4.64 -13.96 -23.81
CA ALA B 450 -4.16 -12.91 -24.71
C ALA B 450 -4.18 -13.40 -26.16
N CYS B 451 -4.54 -12.51 -27.07
CA CYS B 451 -4.59 -12.84 -28.49
C CYS B 451 -3.23 -12.71 -29.16
N TYR B 452 -2.88 -13.69 -29.98
CA TYR B 452 -1.60 -13.70 -30.69
C TYR B 452 -1.78 -14.02 -32.17
N SER B 453 -1.01 -13.33 -33.01
CA SER B 453 -1.05 -13.57 -34.44
C SER B 453 0.15 -14.49 -34.71
N ILE B 454 -0.11 -15.69 -35.22
CA ILE B 454 0.95 -16.65 -35.46
C ILE B 454 1.00 -17.27 -36.86
N GLU B 455 2.20 -17.52 -37.34
CA GLU B 455 2.42 -18.12 -38.65
C GLU B 455 2.54 -19.63 -38.45
N PRO B 456 1.69 -20.41 -39.11
CA PRO B 456 1.75 -21.86 -38.99
C PRO B 456 3.14 -22.43 -39.30
N LEU B 457 3.82 -21.81 -40.28
CA LEU B 457 5.15 -22.24 -40.69
C LEU B 457 6.23 -22.02 -39.63
N ASP B 458 5.90 -21.33 -38.55
CA ASP B 458 6.88 -21.09 -37.49
C ASP B 458 6.72 -22.08 -36.33
N LEU B 459 5.67 -22.89 -36.39
CA LEU B 459 5.40 -23.87 -35.34
C LEU B 459 6.58 -24.70 -34.88
N PRO B 460 7.42 -25.18 -35.82
CA PRO B 460 8.58 -26.00 -35.44
C PRO B 460 9.49 -25.28 -34.45
N GLN B 461 9.74 -24.00 -34.73
CA GLN B 461 10.59 -23.17 -33.89
C GLN B 461 9.92 -22.92 -32.55
N ILE B 462 8.67 -22.47 -32.61
CA ILE B 462 7.88 -22.18 -31.42
C ILE B 462 7.85 -23.40 -30.50
N ILE B 463 7.56 -24.56 -31.09
CA ILE B 463 7.49 -25.80 -30.32
C ILE B 463 8.82 -26.18 -29.67
N GLU B 464 9.91 -26.05 -30.40
CA GLU B 464 11.23 -26.40 -29.87
C GLU B 464 11.58 -25.51 -28.67
N ARG B 465 11.34 -24.21 -28.80
CA ARG B 465 11.64 -23.27 -27.74
C ARG B 465 10.83 -23.55 -26.47
N LEU B 466 9.55 -23.84 -26.64
CA LEU B 466 8.67 -24.09 -25.51
C LEU B 466 8.76 -25.48 -24.91
N HIS B 467 8.76 -26.49 -25.76
CA HIS B 467 8.79 -27.88 -25.30
C HIS B 467 10.13 -28.60 -25.47
N GLY B 468 10.97 -28.10 -26.39
CA GLY B 468 12.25 -28.74 -26.62
C GLY B 468 12.10 -29.79 -27.71
N LEU B 469 13.22 -30.18 -28.32
CA LEU B 469 13.20 -31.17 -29.39
C LEU B 469 12.44 -32.46 -29.06
N SER B 470 12.47 -32.87 -27.80
CA SER B 470 11.80 -34.10 -27.39
C SER B 470 10.33 -34.14 -27.83
N ALA B 471 9.74 -32.96 -28.05
CA ALA B 471 8.35 -32.88 -28.47
C ALA B 471 8.16 -33.52 -29.85
N PHE B 472 9.26 -33.64 -30.60
CA PHE B 472 9.21 -34.22 -31.93
C PHE B 472 9.66 -35.67 -31.96
N THR B 473 9.97 -36.22 -30.79
CA THR B 473 10.43 -37.60 -30.72
C THR B 473 9.78 -38.45 -29.63
N LEU B 474 8.83 -37.87 -28.90
CA LEU B 474 8.18 -38.64 -27.83
C LEU B 474 7.49 -39.89 -28.38
N HIS B 475 7.56 -40.96 -27.62
CA HIS B 475 6.94 -42.22 -28.00
C HIS B 475 6.68 -43.04 -26.74
N SER B 476 6.07 -44.21 -26.91
CA SER B 476 5.76 -45.08 -25.79
C SER B 476 4.96 -44.34 -24.71
N TYR B 477 3.84 -43.75 -25.12
CA TYR B 477 2.98 -43.03 -24.19
C TYR B 477 2.37 -44.00 -23.19
N SER B 478 1.77 -43.49 -22.13
CA SER B 478 1.17 -44.35 -21.11
C SER B 478 -0.13 -45.01 -21.58
N PRO B 479 -0.39 -46.23 -21.09
CA PRO B 479 -1.60 -46.97 -21.46
C PRO B 479 -2.85 -46.14 -21.21
N GLY B 480 -2.89 -45.46 -20.07
CA GLY B 480 -4.02 -44.63 -19.72
C GLY B 480 -4.24 -43.50 -20.70
N GLU B 481 -3.16 -42.85 -21.10
CA GLU B 481 -3.24 -41.75 -22.05
C GLU B 481 -3.72 -42.26 -23.40
N ILE B 482 -3.15 -43.37 -23.85
CA ILE B 482 -3.51 -43.95 -25.12
C ILE B 482 -4.99 -44.34 -25.14
N ASN B 483 -5.45 -44.96 -24.06
CA ASN B 483 -6.85 -45.37 -23.97
C ASN B 483 -7.80 -44.18 -23.96
N ARG B 484 -7.41 -43.10 -23.26
CA ARG B 484 -8.27 -41.93 -23.22
C ARG B 484 -8.45 -41.33 -24.60
N VAL B 485 -7.35 -41.27 -25.37
CA VAL B 485 -7.42 -40.72 -26.72
C VAL B 485 -8.27 -41.61 -27.61
N ALA B 486 -7.99 -42.91 -27.59
CA ALA B 486 -8.74 -43.87 -28.41
C ALA B 486 -10.24 -43.82 -28.12
N SER B 487 -10.61 -43.84 -26.85
CA SER B 487 -12.02 -43.79 -26.46
C SER B 487 -12.65 -42.50 -26.98
N CYS B 488 -11.93 -41.40 -26.87
CA CYS B 488 -12.43 -40.12 -27.33
C CYS B 488 -12.74 -40.17 -28.82
N LEU B 489 -11.82 -40.75 -29.60
CA LEU B 489 -12.01 -40.84 -31.05
C LEU B 489 -13.25 -41.65 -31.40
N ARG B 490 -13.49 -42.74 -30.68
CA ARG B 490 -14.66 -43.56 -30.93
C ARG B 490 -15.93 -42.78 -30.59
N LYS B 491 -15.87 -42.04 -29.50
CA LYS B 491 -17.00 -41.23 -29.04
C LYS B 491 -17.42 -40.19 -30.08
N LEU B 492 -16.45 -39.46 -30.62
CA LEU B 492 -16.72 -38.41 -31.59
C LEU B 492 -16.81 -38.88 -33.03
N GLY B 493 -16.34 -40.09 -33.30
CA GLY B 493 -16.39 -40.58 -34.66
C GLY B 493 -15.18 -40.12 -35.46
N VAL B 494 -14.08 -39.88 -34.75
CA VAL B 494 -12.84 -39.46 -35.40
C VAL B 494 -12.12 -40.73 -35.82
N PRO B 495 -11.59 -40.76 -37.06
CA PRO B 495 -10.89 -41.95 -37.52
C PRO B 495 -9.79 -42.36 -36.54
N PRO B 496 -9.60 -43.66 -36.34
CA PRO B 496 -8.58 -44.18 -35.43
C PRO B 496 -7.17 -43.67 -35.75
N LEU B 497 -6.32 -43.65 -34.74
CA LEU B 497 -4.95 -43.17 -34.88
C LEU B 497 -4.17 -43.75 -36.07
N ARG B 498 -4.37 -45.03 -36.38
CA ARG B 498 -3.67 -45.64 -37.51
C ARG B 498 -3.96 -44.91 -38.82
N THR B 499 -5.20 -44.49 -39.02
CA THR B 499 -5.56 -43.79 -40.25
C THR B 499 -4.84 -42.45 -40.33
N TRP B 500 -4.57 -41.84 -39.17
CA TRP B 500 -3.89 -40.56 -39.17
C TRP B 500 -2.43 -40.66 -39.59
N ARG B 501 -1.79 -41.78 -39.29
CA ARG B 501 -0.39 -41.94 -39.71
C ARG B 501 -0.39 -42.00 -41.23
N HIS B 502 -1.44 -42.57 -41.79
CA HIS B 502 -1.59 -42.69 -43.23
C HIS B 502 -1.65 -41.28 -43.83
N ARG B 503 -2.56 -40.47 -43.32
CA ARG B 503 -2.72 -39.10 -43.79
C ARG B 503 -1.48 -38.24 -43.55
N ALA B 504 -0.81 -38.47 -42.43
CA ALA B 504 0.38 -37.71 -42.07
C ALA B 504 1.53 -37.95 -43.06
N ARG B 505 1.65 -39.16 -43.57
CA ARG B 505 2.69 -39.50 -44.53
C ARG B 505 2.58 -38.65 -45.79
N SER B 506 1.36 -38.51 -46.29
CA SER B 506 1.13 -37.70 -47.49
C SER B 506 1.46 -36.24 -47.22
N VAL B 507 0.88 -35.70 -46.15
CA VAL B 507 1.12 -34.31 -45.78
C VAL B 507 2.61 -34.04 -45.61
N ARG B 508 3.30 -34.95 -44.95
CA ARG B 508 4.74 -34.83 -44.73
C ARG B 508 5.49 -34.75 -46.05
N ALA B 509 5.13 -35.64 -46.98
CA ALA B 509 5.78 -35.68 -48.29
C ALA B 509 5.55 -34.36 -49.03
N LYS B 510 4.32 -33.87 -49.01
CA LYS B 510 3.98 -32.63 -49.70
C LYS B 510 4.72 -31.43 -49.12
N LEU B 511 5.00 -31.47 -47.82
CA LEU B 511 5.71 -30.39 -47.15
C LEU B 511 7.19 -30.39 -47.51
N LEU B 512 7.81 -31.56 -47.50
CA LEU B 512 9.22 -31.69 -47.85
C LEU B 512 9.41 -31.25 -49.29
N SER B 513 8.33 -31.34 -50.06
CA SER B 513 8.32 -30.98 -51.47
C SER B 513 8.53 -29.49 -51.70
N GLN B 514 7.77 -28.67 -50.98
CA GLN B 514 7.86 -27.22 -51.14
C GLN B 514 9.16 -26.64 -50.59
N GLY B 515 9.89 -27.44 -49.83
CA GLY B 515 11.14 -26.96 -49.27
C GLY B 515 10.94 -25.76 -48.37
N GLY B 516 12.05 -25.10 -48.00
CA GLY B 516 11.95 -23.93 -47.14
C GLY B 516 11.40 -24.24 -45.76
N ARG B 517 10.56 -23.35 -45.25
CA ARG B 517 9.96 -23.54 -43.93
C ARG B 517 8.98 -24.72 -43.97
N ALA B 518 8.26 -24.84 -45.08
CA ALA B 518 7.30 -25.92 -45.25
C ALA B 518 7.98 -27.26 -45.03
N ALA B 519 9.17 -27.42 -45.63
CA ALA B 519 9.94 -28.65 -45.50
C ALA B 519 10.28 -28.90 -44.05
N THR B 520 10.69 -27.84 -43.35
CA THR B 520 11.05 -27.97 -41.94
C THR B 520 9.86 -28.50 -41.13
N CYS B 521 8.66 -28.08 -41.50
CA CYS B 521 7.46 -28.54 -40.81
C CYS B 521 7.29 -30.04 -41.00
N GLY B 522 7.42 -30.49 -42.25
CA GLY B 522 7.29 -31.91 -42.53
C GLY B 522 8.37 -32.74 -41.84
N ARG B 523 9.57 -32.20 -41.80
CA ARG B 523 10.71 -32.89 -41.19
C ARG B 523 10.61 -33.07 -39.67
N TYR B 524 10.23 -32.01 -38.97
CA TYR B 524 10.12 -32.07 -37.51
C TYR B 524 8.75 -32.48 -36.96
N LEU B 525 7.71 -31.84 -37.46
CA LEU B 525 6.35 -32.12 -36.99
C LEU B 525 5.86 -33.53 -37.30
N PHE B 526 6.32 -34.09 -38.41
CA PHE B 526 5.88 -35.42 -38.80
C PHE B 526 6.97 -36.49 -38.83
N ASN B 527 7.99 -36.33 -37.98
CA ASN B 527 9.06 -37.30 -37.92
C ASN B 527 8.52 -38.62 -37.37
N TRP B 528 7.47 -38.54 -36.57
CA TRP B 528 6.85 -39.73 -35.99
C TRP B 528 6.15 -40.58 -37.04
N ALA B 529 5.68 -39.91 -38.10
CA ALA B 529 4.96 -40.55 -39.19
C ALA B 529 5.79 -41.47 -40.07
N VAL B 530 7.10 -41.51 -39.85
CA VAL B 530 8.00 -42.34 -40.66
C VAL B 530 8.71 -43.42 -39.84
N ARG B 531 8.97 -44.55 -40.51
CA ARG B 531 9.63 -45.68 -39.89
C ARG B 531 11.10 -45.36 -39.74
N THR B 532 11.77 -45.07 -40.85
CA THR B 532 13.17 -44.70 -40.83
C THR B 532 13.25 -43.23 -40.47
N LYS B 533 13.44 -42.96 -39.19
CA LYS B 533 13.48 -41.58 -38.71
C LYS B 533 14.66 -40.75 -39.22
N LEU B 534 14.40 -39.44 -39.31
CA LEU B 534 15.39 -38.46 -39.71
C LEU B 534 15.96 -37.95 -38.40
N LYS B 535 17.27 -37.72 -38.34
CA LYS B 535 17.86 -37.22 -37.09
C LYS B 535 17.59 -35.73 -36.94
N LEU B 536 16.90 -35.39 -35.85
CA LEU B 536 16.54 -34.00 -35.58
C LEU B 536 17.56 -33.25 -34.74
N THR B 537 18.01 -32.11 -35.25
CA THR B 537 18.98 -31.27 -34.56
C THR B 537 18.31 -29.93 -34.30
N PRO B 538 18.85 -29.14 -33.37
CA PRO B 538 18.26 -27.83 -33.05
C PRO B 538 17.99 -26.99 -34.29
N ILE B 539 16.92 -26.20 -34.24
CA ILE B 539 16.55 -25.34 -35.36
C ILE B 539 17.14 -23.96 -35.11
N PRO B 540 17.93 -23.46 -36.07
CA PRO B 540 18.59 -22.15 -36.03
C PRO B 540 17.68 -20.98 -35.67
N ALA B 541 16.64 -20.77 -36.48
CA ALA B 541 15.71 -19.66 -36.27
C ALA B 541 15.02 -19.67 -34.90
N ALA B 542 15.12 -20.78 -34.18
CA ALA B 542 14.49 -20.90 -32.87
C ALA B 542 15.02 -19.89 -31.86
N SER B 543 16.33 -19.84 -31.70
CA SER B 543 16.97 -18.93 -30.74
C SER B 543 16.65 -17.45 -30.98
N GLN B 544 16.37 -17.11 -32.23
CA GLN B 544 16.06 -15.72 -32.60
C GLN B 544 14.59 -15.38 -32.40
N LEU B 545 13.81 -16.39 -32.05
CA LEU B 545 12.37 -16.21 -31.83
C LEU B 545 12.12 -15.33 -30.62
N ASP B 546 11.37 -14.25 -30.81
CA ASP B 546 11.05 -13.33 -29.72
C ASP B 546 9.80 -13.79 -28.98
N LEU B 547 9.99 -14.67 -28.01
CA LEU B 547 8.88 -15.20 -27.22
C LEU B 547 8.74 -14.47 -25.90
N SER B 548 9.04 -13.18 -25.89
CA SER B 548 8.94 -12.38 -24.68
C SER B 548 7.48 -11.99 -24.46
N GLY B 549 7.02 -12.13 -23.23
CA GLY B 549 5.64 -11.78 -22.92
C GLY B 549 4.64 -12.88 -23.19
N TRP B 550 5.11 -14.04 -23.62
CA TRP B 550 4.22 -15.17 -23.91
C TRP B 550 3.67 -15.83 -22.66
N PHE B 551 4.52 -16.10 -21.69
CA PHE B 551 4.10 -16.74 -20.45
C PHE B 551 4.52 -15.88 -19.27
N VAL B 552 3.93 -14.69 -19.20
CA VAL B 552 4.22 -13.75 -18.13
C VAL B 552 3.01 -13.62 -17.22
N ALA B 553 1.85 -13.42 -17.82
CA ALA B 553 0.63 -13.24 -17.04
C ALA B 553 -0.63 -13.70 -17.76
N GLY B 554 -1.70 -13.88 -17.00
CA GLY B 554 -2.97 -14.29 -17.56
C GLY B 554 -3.77 -13.04 -17.87
N TYR B 555 -4.57 -13.10 -18.93
CA TYR B 555 -5.35 -11.94 -19.34
C TYR B 555 -6.75 -12.32 -19.81
N SER B 556 -7.22 -13.51 -19.46
CA SER B 556 -8.55 -13.94 -19.88
C SER B 556 -9.60 -12.87 -19.58
N GLY B 557 -10.33 -12.47 -20.61
CA GLY B 557 -11.38 -11.47 -20.46
C GLY B 557 -10.83 -10.04 -20.40
N GLY B 558 -9.51 -9.92 -20.46
CA GLY B 558 -8.86 -8.62 -20.37
C GLY B 558 -8.73 -7.80 -21.64
N ASP B 559 -9.23 -8.30 -22.77
CA ASP B 559 -9.17 -7.56 -24.03
C ASP B 559 -7.72 -7.20 -24.38
N ILE B 560 -6.82 -8.19 -24.31
CA ILE B 560 -5.40 -7.97 -24.58
C ILE B 560 -4.92 -8.57 -25.90
N TYR B 561 -4.15 -7.77 -26.65
CA TYR B 561 -3.60 -8.19 -27.92
C TYR B 561 -2.10 -7.96 -27.89
N HIS B 562 -1.32 -8.96 -28.26
CA HIS B 562 0.12 -8.82 -28.27
C HIS B 562 0.73 -8.87 -29.67
N SER B 563 1.77 -8.07 -29.87
CA SER B 563 2.46 -8.00 -31.15
C SER B 563 3.92 -8.44 -30.99
C1 1JE C . 22.20 23.67 44.10
C2 1JE C . 23.09 24.33 43.22
C3 1JE C . 23.37 25.70 43.44
C4 1JE C . 22.78 26.40 44.54
C5 1JE C . 21.89 25.73 45.43
C6 1JE C . 21.61 24.35 45.21
N7 1JE C . 21.77 22.34 44.09
C8 1JE C . 20.93 22.17 45.15
C9 1JE C . 20.76 23.31 45.87
C10 1JE C . 20.23 20.83 45.50
O11 1JE C . 19.31 21.01 46.68
C12 1JE C . 19.68 22.00 47.68
C13 1JE C . 19.90 23.41 47.08
CL1 1JE C . 23.80 23.53 41.90
CL2 1JE C . 21.23 26.63 46.71
C16 1JE C . 21.27 19.73 45.92
C17 1JE C . 22.32 19.33 44.88
O18 1JE C . 22.29 19.58 43.68
O19 1JE C . 23.33 18.62 45.43
C20 1JE C . 19.29 20.32 44.36
C21 1JE C . 18.13 21.26 43.96
C22 1JE C . 17.18 20.60 42.97
S SO4 D . 12.73 26.14 11.69
O1 SO4 D . 12.57 25.50 10.36
O2 SO4 D . 11.70 27.18 11.85
O3 SO4 D . 12.58 25.14 12.76
O4 SO4 D . 14.07 26.76 11.76
NA NA E . 15.72 22.54 11.30
C1 1JE F . 0.68 -44.54 -32.12
C2 1JE F . -0.45 -45.05 -31.46
C3 1JE F . -1.47 -45.68 -32.22
C4 1JE F . -1.33 -45.81 -33.65
C5 1JE F . -0.17 -45.29 -34.32
C6 1JE F . 0.84 -44.66 -33.55
N7 1JE F . 1.79 -43.89 -31.60
C8 1JE F . 2.63 -43.59 -32.63
C9 1JE F . 2.14 -44.01 -33.83
C10 1JE F . 3.98 -42.86 -32.47
O11 1JE F . 4.61 -42.61 -33.80
C12 1JE F . 4.37 -43.58 -34.88
C13 1JE F . 2.86 -43.83 -35.12
CL1 1JE F . -0.62 -44.90 -29.77
CL2 1JE F . -0.08 -45.48 -36.02
C16 1JE F . 5.00 -43.70 -31.63
C17 1JE F . 4.62 -44.08 -30.20
O18 1JE F . 3.69 -43.61 -29.55
O19 1JE F . 5.44 -45.01 -29.70
C20 1JE F . 3.80 -41.42 -31.86
C21 1JE F . 2.97 -40.43 -32.71
C22 1JE F . 2.89 -39.06 -32.05
S SO4 G . -17.51 -21.82 -14.64
O1 SO4 G . -18.16 -21.22 -15.82
O2 SO4 G . -18.42 -22.81 -14.04
O3 SO4 G . -17.23 -20.75 -13.66
O4 SO4 G . -16.26 -22.46 -15.05
NA NA H . -15.10 -23.65 -11.18
#